data_2Z8F
#
_entry.id   2Z8F
#
_cell.length_a   106.151
_cell.length_b   143.050
_cell.length_c   113.736
_cell.angle_alpha   90.00
_cell.angle_beta   90.00
_cell.angle_gamma   90.00
#
_symmetry.space_group_name_H-M   'C 2 2 21'
#
loop_
_entity.id
_entity.type
_entity.pdbx_description
1 polymer 'Galacto-N-biose/lacto-N-biose I transporter substrate-binding protein'
2 branched beta-D-galactopyranose-(1-3)-2-acetamido-2-deoxy-beta-D-glucopyranose-(1-3)-beta-D-galactopyranose-(1-4)-beta-D-glucopyranose
3 non-polymer 'ZINC ION'
4 non-polymer 'SODIUM ION'
5 non-polymer '2-(N-MORPHOLINO)-ETHANESULFONIC ACID'
6 water water
#
_entity_poly.entity_id   1
_entity_poly.type   'polypeptide(L)'
_entity_poly.pdbx_seq_one_letter_code
;MDTAGDTKTTDDGGVVNITYMHRLPDSEGMTLVNDIVAKWNKQHPDIQVKATKFDGKASDMIKKLETDVKSGEAPDLAQV
GYAELPEVFTKGLLQDVTQYAEQYKNDFASGPYSLVQVGGKAYGLPQDTGPLVYFYNKAEFEKLGITEIPQTADEFIAAA
KTAAAAGKYIMSYQPDEAGNMISGLAGASGGWYKVKGDSWVVNTETDGSKATADFYQQLLDAKAATTNPRWDPSFDASIK
DGSLIGTVAAAWEAPLFMTSSGGTGSGEWQVAQLGDWFGNAGKTGPDGGSAVAVLKNSKHPKEAMEFLDWFNTQVPDLVS
QGLVPAATTEDAETPSEWSTFFGGQDIMKEFKTANNNMGDFTYMPGFSAVAAKMNETAAKATDGSGKVADIFSDAQTTSV
DTLKNFGLSVSE
;
_entity_poly.pdbx_strand_id   A,B
#
loop_
_chem_comp.id
_chem_comp.type
_chem_comp.name
_chem_comp.formula
BGC D-saccharide, beta linking beta-D-glucopyranose 'C6 H12 O6'
GAL D-saccharide, beta linking beta-D-galactopyranose 'C6 H12 O6'
MES non-polymer '2-(N-MORPHOLINO)-ETHANESULFONIC ACID' 'C6 H13 N O4 S'
NA non-polymer 'SODIUM ION' 'Na 1'
NAG D-saccharide, beta linking 2-acetamido-2-deoxy-beta-D-glucopyranose 'C8 H15 N O6'
ZN non-polymer 'ZINC ION' 'Zn 2'
#
# COMPACT_ATOMS: atom_id res chain seq x y z
N ASP A 11 44.11 -29.20 -4.95
CA ASP A 11 43.81 -27.85 -4.39
C ASP A 11 44.56 -26.76 -5.15
N ASP A 12 44.08 -25.54 -5.01
CA ASP A 12 44.76 -24.35 -5.51
C ASP A 12 46.12 -24.20 -4.87
N GLY A 13 46.96 -23.37 -5.49
CA GLY A 13 48.24 -23.00 -4.91
C GLY A 13 48.06 -22.15 -3.66
N GLY A 14 49.16 -21.89 -2.95
CA GLY A 14 49.12 -21.18 -1.69
C GLY A 14 48.43 -19.81 -1.75
N VAL A 15 48.68 -19.06 -2.81
CA VAL A 15 48.07 -17.74 -2.99
C VAL A 15 47.20 -17.73 -4.26
N VAL A 16 45.92 -17.42 -4.07
CA VAL A 16 45.00 -17.19 -5.16
C VAL A 16 44.82 -15.69 -5.25
N ASN A 17 44.83 -15.15 -6.48
CA ASN A 17 44.69 -13.72 -6.68
C ASN A 17 43.39 -13.44 -7.41
N ILE A 18 42.57 -12.58 -6.80
CA ILE A 18 41.23 -12.22 -7.26
C ILE A 18 41.22 -10.73 -7.59
N THR A 19 40.55 -10.35 -8.68
CA THR A 19 40.32 -8.95 -8.97
C THR A 19 38.84 -8.63 -8.84
N TYR A 20 38.56 -7.44 -8.31
CA TYR A 20 37.19 -6.92 -8.12
C TYR A 20 37.12 -5.48 -8.66
N MET A 21 36.30 -5.28 -9.70
CA MET A 21 36.04 -3.95 -10.25
C MET A 21 34.67 -3.49 -9.76
N HIS A 22 34.64 -2.31 -9.17
CA HIS A 22 33.40 -1.80 -8.62
C HIS A 22 33.15 -0.37 -9.13
N ARG A 23 31.94 0.13 -8.91
CA ARG A 23 31.65 1.53 -9.18
C ARG A 23 31.03 2.22 -7.94
N LEU A 24 31.58 1.91 -6.76
CA LEU A 24 31.19 2.62 -5.56
C LEU A 24 31.88 3.99 -5.53
N PRO A 25 31.24 4.97 -4.88
CA PRO A 25 31.71 6.36 -5.00
C PRO A 25 33.09 6.66 -4.42
N ASP A 26 33.45 6.06 -3.29
CA ASP A 26 34.78 6.33 -2.71
C ASP A 26 35.00 7.84 -2.50
N SER A 27 33.96 8.55 -2.09
CA SER A 27 34.02 9.99 -1.81
C SER A 27 34.68 10.29 -0.47
N GLU A 28 35.06 11.54 -0.27
CA GLU A 28 35.59 11.98 1.02
C GLU A 28 34.57 11.67 2.13
N GLY A 29 35.07 11.18 3.27
CA GLY A 29 34.18 10.83 4.39
C GLY A 29 33.77 9.37 4.43
N MET A 30 33.91 8.70 3.29
CA MET A 30 33.57 7.28 3.16
C MET A 30 34.73 6.36 3.57
N THR A 31 34.39 5.15 3.99
CA THR A 31 35.40 4.10 4.18
C THR A 31 35.70 3.53 2.81
N LEU A 32 36.90 3.81 2.31
CA LEU A 32 37.22 3.49 0.93
C LEU A 32 37.20 2.00 0.67
N VAL A 33 36.78 1.61 -0.54
CA VAL A 33 36.77 0.20 -0.86
C VAL A 33 38.16 -0.42 -0.63
N ASN A 34 39.22 0.31 -0.96
CA ASN A 34 40.53 -0.26 -0.76
C ASN A 34 40.93 -0.49 0.69
N ASP A 35 40.38 0.34 1.57
CA ASP A 35 40.62 0.20 3.01
C ASP A 35 39.78 -0.96 3.57
N ILE A 36 38.61 -1.22 2.98
CA ILE A 36 37.84 -2.40 3.38
C ILE A 36 38.60 -3.68 2.96
N VAL A 37 38.97 -3.74 1.68
CA VAL A 37 39.66 -4.88 1.10
C VAL A 37 41.01 -5.11 1.80
N ALA A 38 41.69 -4.03 2.22
CA ALA A 38 42.96 -4.20 2.94
C ALA A 38 42.82 -5.05 4.22
N LYS A 39 41.69 -4.92 4.89
CA LYS A 39 41.40 -5.75 6.07
C LYS A 39 41.34 -7.22 5.69
N TRP A 40 40.65 -7.53 4.58
CA TRP A 40 40.62 -8.90 4.07
C TRP A 40 42.03 -9.41 3.75
N ASN A 41 42.79 -8.61 3.00
CA ASN A 41 44.10 -9.04 2.52
C ASN A 41 45.07 -9.35 3.66
N LYS A 42 44.98 -8.59 4.74
CA LYS A 42 45.84 -8.78 5.90
C LYS A 42 45.55 -10.11 6.56
N GLN A 43 44.27 -10.47 6.60
CA GLN A 43 43.84 -11.72 7.25
C GLN A 43 44.03 -12.95 6.36
N HIS A 44 44.01 -12.75 5.04
CA HIS A 44 44.00 -13.84 4.10
C HIS A 44 45.08 -13.80 3.04
N PRO A 45 46.34 -14.11 3.44
CA PRO A 45 47.42 -14.21 2.45
C PRO A 45 47.12 -15.24 1.35
N ASP A 46 46.20 -16.17 1.65
CA ASP A 46 45.82 -17.24 0.74
C ASP A 46 44.85 -16.80 -0.39
N ILE A 47 44.13 -15.70 -0.17
CA ILE A 47 43.24 -15.13 -1.19
C ILE A 47 43.44 -13.60 -1.21
N GLN A 48 44.27 -13.14 -2.13
CA GLN A 48 44.59 -11.71 -2.21
C GLN A 48 43.71 -11.05 -3.24
N VAL A 49 43.12 -9.91 -2.86
CA VAL A 49 42.16 -9.23 -3.69
C VAL A 49 42.65 -7.84 -4.11
N LYS A 50 42.59 -7.58 -5.41
CA LYS A 50 42.89 -6.27 -5.97
C LYS A 50 41.58 -5.62 -6.41
N ALA A 51 41.18 -4.59 -5.67
CA ALA A 51 39.94 -3.85 -5.93
C ALA A 51 40.27 -2.56 -6.66
N THR A 52 39.53 -2.33 -7.75
CA THR A 52 39.69 -1.08 -8.51
C THR A 52 38.33 -0.45 -8.79
N LYS A 53 38.27 0.89 -8.74
CA LYS A 53 37.07 1.61 -9.13
C LYS A 53 37.09 1.85 -10.63
N PHE A 54 36.00 1.49 -11.29
CA PHE A 54 35.84 1.77 -12.72
C PHE A 54 36.02 3.25 -13.00
N ASP A 55 36.92 3.56 -13.94
CA ASP A 55 37.15 4.95 -14.34
C ASP A 55 36.27 5.25 -15.55
N GLY A 56 35.12 5.82 -15.26
CA GLY A 56 34.13 6.11 -16.29
C GLY A 56 32.76 6.26 -15.69
N LYS A 57 31.80 6.64 -16.52
CA LYS A 57 30.43 6.84 -16.06
C LYS A 57 29.75 5.48 -15.93
N ALA A 58 28.75 5.41 -15.05
CA ALA A 58 28.21 4.10 -14.63
C ALA A 58 27.78 3.21 -15.80
N SER A 59 27.07 3.78 -16.79
CA SER A 59 26.52 2.98 -17.90
C SER A 59 27.57 2.40 -18.84
N ASP A 60 28.81 2.89 -18.72
CA ASP A 60 29.88 2.35 -19.52
C ASP A 60 30.53 1.10 -18.90
N MET A 61 30.25 0.85 -17.63
CA MET A 61 30.91 -0.27 -16.96
C MET A 61 30.63 -1.63 -17.61
N ILE A 62 29.36 -1.95 -17.88
CA ILE A 62 29.10 -3.26 -18.48
C ILE A 62 29.60 -3.36 -19.93
N LYS A 63 29.76 -2.22 -20.58
CA LYS A 63 30.38 -2.19 -21.90
C LYS A 63 31.86 -2.54 -21.83
N LYS A 64 32.58 -1.99 -20.84
CA LYS A 64 33.97 -2.38 -20.60
C LYS A 64 34.09 -3.86 -20.23
N LEU A 65 33.18 -4.35 -19.39
CA LEU A 65 33.17 -5.75 -18.98
C LEU A 65 33.01 -6.65 -20.21
N GLU A 66 32.14 -6.26 -21.13
CA GLU A 66 31.93 -7.03 -22.35
C GLU A 66 33.20 -7.14 -23.18
N THR A 67 33.85 -6.01 -23.39
CA THR A 67 35.13 -5.91 -24.11
C THR A 67 36.21 -6.76 -23.43
N ASP A 68 36.32 -6.62 -22.12
CA ASP A 68 37.34 -7.33 -21.35
C ASP A 68 37.13 -8.83 -21.26
N VAL A 69 35.88 -9.29 -21.14
CA VAL A 69 35.60 -10.73 -21.15
C VAL A 69 36.10 -11.34 -22.47
N LYS A 70 35.78 -10.68 -23.59
CA LYS A 70 36.21 -11.13 -24.92
C LYS A 70 37.73 -11.13 -25.07
N SER A 71 38.40 -10.12 -24.52
CA SER A 71 39.85 -10.01 -24.65
C SER A 71 40.62 -10.87 -23.65
N GLY A 72 39.92 -11.44 -22.66
CA GLY A 72 40.54 -12.17 -21.57
C GLY A 72 41.23 -11.30 -20.53
N GLU A 73 40.76 -10.06 -20.38
CA GLU A 73 41.34 -9.10 -19.43
C GLU A 73 40.35 -8.75 -18.30
N ALA A 74 39.26 -9.52 -18.22
CA ALA A 74 38.19 -9.20 -17.29
C ALA A 74 38.57 -9.51 -15.84
N PRO A 75 37.95 -8.79 -14.88
CA PRO A 75 38.20 -9.15 -13.48
C PRO A 75 37.43 -10.42 -13.09
N ASP A 76 37.75 -10.99 -11.94
CA ASP A 76 36.96 -12.13 -11.42
C ASP A 76 35.56 -11.71 -10.99
N LEU A 77 35.48 -10.54 -10.36
CA LEU A 77 34.27 -10.01 -9.76
C LEU A 77 34.00 -8.63 -10.30
N ALA A 78 32.74 -8.33 -10.58
CA ALA A 78 32.39 -7.00 -11.06
C ALA A 78 31.02 -6.57 -10.58
N GLN A 79 30.89 -5.32 -10.18
CA GLN A 79 29.57 -4.79 -9.80
C GLN A 79 28.64 -4.84 -11.03
N VAL A 80 27.44 -5.39 -10.86
CA VAL A 80 26.49 -5.50 -11.96
C VAL A 80 25.14 -5.18 -11.33
N GLY A 81 24.47 -4.17 -11.88
CA GLY A 81 23.19 -3.73 -11.32
C GLY A 81 22.20 -4.87 -11.48
N TYR A 82 21.21 -4.98 -10.59
CA TYR A 82 20.18 -6.00 -10.83
C TYR A 82 19.55 -5.85 -12.21
N ALA A 83 19.32 -4.59 -12.61
CA ALA A 83 18.74 -4.27 -13.93
C ALA A 83 19.64 -4.66 -15.08
N GLU A 84 20.94 -4.80 -14.80
CA GLU A 84 21.94 -5.14 -15.80
C GLU A 84 22.20 -6.63 -15.91
N LEU A 85 21.85 -7.38 -14.86
CA LEU A 85 22.26 -8.79 -14.79
C LEU A 85 21.67 -9.66 -15.91
N PRO A 86 20.36 -9.51 -16.21
CA PRO A 86 19.82 -10.30 -17.33
C PRO A 86 20.54 -9.98 -18.65
N GLU A 87 20.90 -8.72 -18.85
CA GLU A 87 21.60 -8.31 -20.06
C GLU A 87 22.98 -8.96 -20.18
N VAL A 88 23.77 -8.88 -19.11
CA VAL A 88 25.11 -9.42 -19.20
C VAL A 88 25.10 -10.96 -19.19
N PHE A 89 24.08 -11.55 -18.57
CA PHE A 89 23.89 -13.00 -18.65
C PHE A 89 23.66 -13.40 -20.11
N THR A 90 22.72 -12.72 -20.76
CA THR A 90 22.35 -13.02 -22.15
C THR A 90 23.53 -12.85 -23.11
N LYS A 91 24.42 -11.92 -22.79
CA LYS A 91 25.65 -11.72 -23.55
C LYS A 91 26.76 -12.74 -23.22
N GLY A 92 26.46 -13.68 -22.30
CA GLY A 92 27.39 -14.78 -21.96
C GLY A 92 28.60 -14.34 -21.14
N LEU A 93 28.44 -13.29 -20.36
CA LEU A 93 29.57 -12.72 -19.59
C LEU A 93 29.72 -13.26 -18.16
N LEU A 94 28.76 -14.05 -17.70
CA LEU A 94 28.75 -14.51 -16.32
C LEU A 94 29.12 -15.98 -16.16
N GLN A 95 29.50 -16.34 -14.94
CA GLN A 95 29.77 -17.73 -14.55
C GLN A 95 28.77 -18.22 -13.51
N ASP A 96 28.15 -19.37 -13.78
CA ASP A 96 27.24 -20.03 -12.86
C ASP A 96 28.00 -20.40 -11.58
N VAL A 97 27.62 -19.79 -10.46
CA VAL A 97 28.26 -20.05 -9.16
C VAL A 97 27.22 -20.54 -8.15
N THR A 98 26.19 -21.20 -8.65
CA THR A 98 25.11 -21.68 -7.78
C THR A 98 25.60 -22.45 -6.56
N GLN A 99 26.54 -23.37 -6.77
CA GLN A 99 27.01 -24.24 -5.69
C GLN A 99 27.75 -23.44 -4.59
N TYR A 100 28.21 -22.24 -4.94
CA TYR A 100 28.85 -21.37 -3.95
C TYR A 100 27.86 -20.40 -3.32
N ALA A 101 27.05 -19.73 -4.16
CA ALA A 101 25.99 -18.85 -3.66
C ALA A 101 25.12 -19.50 -2.57
N GLU A 102 24.77 -20.77 -2.77
CA GLU A 102 23.91 -21.53 -1.83
C GLU A 102 24.45 -21.51 -0.41
N GLN A 103 25.77 -21.52 -0.29
CA GLN A 103 26.41 -21.56 1.02
C GLN A 103 26.27 -20.23 1.77
N TYR A 104 26.09 -19.12 1.03
CA TYR A 104 26.00 -17.77 1.62
C TYR A 104 24.61 -17.17 1.63
N LYS A 105 23.67 -17.89 1.04
CA LYS A 105 22.29 -17.43 0.92
C LYS A 105 21.72 -16.80 2.19
N ASN A 106 21.98 -17.44 3.34
CA ASN A 106 21.36 -17.01 4.59
C ASN A 106 21.93 -15.71 5.17
N ASP A 107 23.00 -15.19 4.58
CA ASP A 107 23.52 -13.90 4.96
C ASP A 107 22.77 -12.73 4.31
N PHE A 108 21.86 -13.01 3.38
CA PHE A 108 21.26 -11.99 2.53
C PHE A 108 19.74 -12.04 2.55
N ALA A 109 19.11 -10.88 2.38
CA ALA A 109 17.65 -10.85 2.24
C ALA A 109 17.22 -11.68 1.02
N SER A 110 16.07 -12.33 1.11
CA SER A 110 15.63 -13.24 0.08
C SER A 110 15.33 -12.58 -1.27
N GLY A 111 14.79 -11.36 -1.22
CA GLY A 111 14.49 -10.59 -2.44
C GLY A 111 15.74 -10.35 -3.24
N PRO A 112 16.67 -9.53 -2.69
CA PRO A 112 17.94 -9.32 -3.36
C PRO A 112 18.64 -10.61 -3.80
N TYR A 113 18.62 -11.66 -2.96
CA TYR A 113 19.24 -12.92 -3.34
C TYR A 113 18.63 -13.50 -4.64
N SER A 114 17.30 -13.44 -4.75
CA SER A 114 16.62 -13.89 -5.97
C SER A 114 17.04 -13.12 -7.21
N LEU A 115 17.51 -11.88 -7.03
CA LEU A 115 17.91 -11.03 -8.16
C LEU A 115 19.30 -11.32 -8.70
N VAL A 116 20.03 -12.23 -8.06
CA VAL A 116 21.27 -12.74 -8.67
C VAL A 116 21.07 -14.02 -9.45
N GLN A 117 19.81 -14.42 -9.63
CA GLN A 117 19.52 -15.70 -10.25
C GLN A 117 18.93 -15.52 -11.64
N VAL A 118 19.27 -16.44 -12.54
CA VAL A 118 18.61 -16.56 -13.85
C VAL A 118 18.36 -18.03 -14.05
N GLY A 119 17.07 -18.39 -14.19
CA GLY A 119 16.69 -19.78 -14.38
C GLY A 119 17.12 -20.69 -13.24
N GLY A 120 17.05 -20.16 -12.02
CA GLY A 120 17.38 -20.92 -10.81
C GLY A 120 18.87 -21.15 -10.68
N LYS A 121 19.66 -20.44 -11.48
CA LYS A 121 21.11 -20.47 -11.32
C LYS A 121 21.58 -19.11 -10.79
N ALA A 122 22.56 -19.13 -9.88
CA ALA A 122 23.05 -17.89 -9.27
C ALA A 122 24.37 -17.45 -9.91
N TYR A 123 24.55 -16.14 -10.03
CA TYR A 123 25.69 -15.58 -10.77
C TYR A 123 26.52 -14.63 -9.95
N GLY A 124 26.25 -14.61 -8.65
CA GLY A 124 27.04 -13.80 -7.69
C GLY A 124 26.31 -13.63 -6.38
N LEU A 125 26.52 -12.49 -5.73
CA LEU A 125 25.81 -12.19 -4.50
C LEU A 125 25.28 -10.76 -4.50
N PRO A 126 24.10 -10.53 -3.88
CA PRO A 126 23.53 -9.20 -3.87
C PRO A 126 24.31 -8.29 -2.94
N GLN A 127 24.33 -7.00 -3.25
CA GLN A 127 25.12 -6.06 -2.44
C GLN A 127 24.27 -5.00 -1.76
N ASP A 128 23.34 -4.38 -2.51
CA ASP A 128 22.54 -3.27 -1.95
C ASP A 128 21.17 -3.18 -2.62
N THR A 129 20.29 -2.38 -2.06
CA THR A 129 19.03 -2.09 -2.75
C THR A 129 18.79 -0.58 -2.91
N GLY A 130 17.92 -0.23 -3.86
CA GLY A 130 17.71 1.18 -4.22
C GLY A 130 16.27 1.65 -4.15
N PRO A 131 15.63 1.54 -2.97
CA PRO A 131 14.26 2.05 -2.89
C PRO A 131 14.23 3.55 -3.07
N LEU A 132 13.21 4.04 -3.78
CA LEU A 132 13.01 5.46 -3.91
C LEU A 132 12.31 6.08 -2.71
N VAL A 133 12.81 7.25 -2.29
CA VAL A 133 12.27 8.00 -1.16
C VAL A 133 12.20 9.49 -1.51
N TYR A 134 11.82 10.32 -0.55
CA TYR A 134 11.65 11.74 -0.79
C TYR A 134 12.52 12.54 0.20
N PHE A 135 13.47 13.31 -0.32
CA PHE A 135 14.28 14.19 0.52
C PHE A 135 13.65 15.59 0.47
N TYR A 136 13.56 16.25 1.62
CA TYR A 136 13.01 17.61 1.62
C TYR A 136 13.57 18.45 2.77
N ASN A 137 13.63 19.75 2.56
CA ASN A 137 14.05 20.68 3.62
C ASN A 137 12.83 21.12 4.42
N LYS A 138 12.70 20.55 5.61
CA LYS A 138 11.52 20.77 6.45
C LYS A 138 11.36 22.23 6.84
N ALA A 139 12.48 22.91 7.11
CA ALA A 139 12.45 24.33 7.46
C ALA A 139 11.91 25.20 6.31
N GLU A 140 12.34 24.91 5.09
CA GLU A 140 11.90 25.67 3.92
C GLU A 140 10.44 25.36 3.60
N PHE A 141 10.02 24.12 3.83
CA PHE A 141 8.60 23.77 3.67
C PHE A 141 7.76 24.63 4.62
N GLU A 142 8.22 24.75 5.87
CA GLU A 142 7.50 25.52 6.88
C GLU A 142 7.38 26.98 6.49
N LYS A 143 8.45 27.55 5.96
CA LYS A 143 8.45 28.95 5.51
C LYS A 143 7.41 29.20 4.41
N LEU A 144 7.11 28.15 3.64
CA LEU A 144 6.16 28.26 2.53
C LEU A 144 4.76 27.87 2.96
N GLY A 145 4.61 27.44 4.21
CA GLY A 145 3.30 27.09 4.74
C GLY A 145 2.89 25.67 4.43
N ILE A 146 3.83 24.89 3.91
CA ILE A 146 3.60 23.47 3.61
C ILE A 146 3.90 22.65 4.88
N THR A 147 2.86 22.37 5.65
CA THR A 147 3.04 21.81 7.00
C THR A 147 2.88 20.30 7.06
N GLU A 148 2.64 19.67 5.92
CA GLU A 148 2.60 18.22 5.83
C GLU A 148 3.13 17.88 4.45
N ILE A 149 3.75 16.71 4.28
CA ILE A 149 4.04 16.22 2.93
C ILE A 149 2.70 15.88 2.25
N PRO A 150 2.36 16.59 1.15
CA PRO A 150 1.09 16.35 0.45
C PRO A 150 1.01 14.89 0.01
N GLN A 151 -0.11 14.20 0.23
CA GLN A 151 -0.10 12.76 -0.08
C GLN A 151 -0.77 12.33 -1.38
N THR A 152 -1.47 13.24 -2.05
CA THR A 152 -2.02 12.96 -3.38
C THR A 152 -1.29 13.79 -4.42
N ALA A 153 -1.28 13.34 -5.67
CA ALA A 153 -0.62 14.13 -6.72
C ALA A 153 -1.19 15.55 -6.83
N ASP A 154 -2.52 15.68 -6.82
CA ASP A 154 -3.16 16.99 -6.92
C ASP A 154 -2.73 17.96 -5.81
N GLU A 155 -2.67 17.47 -4.57
CA GLU A 155 -2.29 18.32 -3.46
C GLU A 155 -0.81 18.68 -3.57
N PHE A 156 0.00 17.71 -4.01
CA PHE A 156 1.43 17.95 -4.23
C PHE A 156 1.68 19.00 -5.30
N ILE A 157 1.00 18.85 -6.42
CA ILE A 157 1.14 19.81 -7.53
C ILE A 157 0.76 21.23 -7.08
N ALA A 158 -0.32 21.37 -6.31
CA ALA A 158 -0.72 22.68 -5.77
C ALA A 158 0.38 23.29 -4.88
N ALA A 159 0.94 22.47 -3.99
CA ALA A 159 2.03 22.91 -3.13
C ALA A 159 3.23 23.29 -3.97
N ALA A 160 3.46 22.53 -5.04
CA ALA A 160 4.62 22.78 -5.89
C ALA A 160 4.52 24.12 -6.63
N LYS A 161 3.30 24.47 -7.04
CA LYS A 161 3.06 25.76 -7.70
C LYS A 161 3.30 26.91 -6.73
N THR A 162 2.85 26.75 -5.49
CA THR A 162 3.10 27.73 -4.42
C THR A 162 4.59 27.94 -4.25
N ALA A 163 5.35 26.83 -4.18
CA ALA A 163 6.80 26.91 -4.03
C ALA A 163 7.47 27.62 -5.22
N ALA A 164 7.02 27.28 -6.42
CA ALA A 164 7.62 27.80 -7.66
C ALA A 164 7.40 29.32 -7.77
N ALA A 165 6.25 29.79 -7.32
CA ALA A 165 5.93 31.24 -7.34
C ALA A 165 6.92 31.99 -6.44
N ALA A 166 7.45 31.28 -5.45
CA ALA A 166 8.46 31.80 -4.52
C ALA A 166 9.90 31.48 -4.94
N GLY A 167 10.09 30.98 -6.16
CA GLY A 167 11.44 30.64 -6.60
C GLY A 167 12.07 29.43 -5.89
N LYS A 168 11.23 28.57 -5.33
CA LYS A 168 11.67 27.32 -4.68
C LYS A 168 11.09 26.15 -5.46
N TYR A 169 11.72 24.98 -5.37
CA TYR A 169 11.21 23.80 -6.11
C TYR A 169 11.18 22.61 -5.18
N ILE A 170 10.00 21.99 -5.04
CA ILE A 170 9.86 20.82 -4.20
C ILE A 170 9.93 19.50 -5.00
N MET A 171 10.26 19.61 -6.29
CA MET A 171 10.53 18.44 -7.12
C MET A 171 11.64 18.74 -8.11
N SER A 172 12.41 17.72 -8.43
CA SER A 172 13.29 17.76 -9.60
C SER A 172 12.82 16.77 -10.67
N TYR A 173 13.00 17.18 -11.92
CA TYR A 173 12.83 16.29 -13.07
C TYR A 173 14.24 16.04 -13.59
N GLN A 174 14.65 14.78 -13.62
CA GLN A 174 16.03 14.41 -13.90
C GLN A 174 16.09 13.64 -15.22
N PRO A 175 16.26 14.35 -16.35
CA PRO A 175 16.21 13.65 -17.61
C PRO A 175 17.30 12.59 -17.79
N ASP A 176 18.47 12.79 -17.18
CA ASP A 176 19.57 11.82 -17.25
C ASP A 176 19.39 10.60 -16.30
N GLU A 177 18.25 10.57 -15.61
CA GLU A 177 17.92 9.46 -14.70
C GLU A 177 16.57 8.91 -15.03
N ALA A 178 15.99 9.31 -16.16
CA ALA A 178 14.63 8.79 -16.48
C ALA A 178 14.62 7.25 -16.54
N GLY A 179 15.64 6.65 -17.13
CA GLY A 179 15.68 5.18 -17.27
C GLY A 179 15.75 4.39 -15.96
N ASN A 180 16.19 5.06 -14.88
CA ASN A 180 16.39 4.42 -13.57
C ASN A 180 15.36 4.88 -12.56
N MET A 181 15.23 6.21 -12.40
CA MET A 181 14.30 6.80 -11.45
C MET A 181 12.87 6.72 -11.94
N ILE A 182 12.64 7.17 -13.17
CA ILE A 182 11.24 7.20 -13.68
C ILE A 182 10.70 5.80 -13.93
N SER A 183 11.54 4.90 -14.45
CA SER A 183 11.15 3.49 -14.56
C SER A 183 10.78 2.93 -13.18
N GLY A 184 11.57 3.29 -12.16
CA GLY A 184 11.30 2.77 -10.81
C GLY A 184 9.98 3.31 -10.25
N LEU A 185 9.71 4.60 -10.46
CA LEU A 185 8.46 5.22 -9.98
C LEU A 185 7.25 4.59 -10.66
N ALA A 186 7.32 4.45 -11.98
CA ALA A 186 6.24 3.77 -12.71
C ALA A 186 6.10 2.32 -12.28
N GLY A 187 7.25 1.66 -12.07
CA GLY A 187 7.32 0.22 -11.77
C GLY A 187 6.82 -0.16 -10.39
N ALA A 188 6.69 0.86 -9.53
CA ALA A 188 6.27 0.65 -8.14
C ALA A 188 4.93 -0.08 -8.11
N SER A 189 4.11 0.19 -9.11
CA SER A 189 2.74 -0.36 -9.13
C SER A 189 2.54 -1.54 -10.07
N GLY A 190 3.59 -1.96 -10.76
CA GLY A 190 3.46 -3.11 -11.65
C GLY A 190 4.59 -3.24 -12.64
N GLY A 191 4.91 -4.48 -12.97
CA GLY A 191 5.98 -4.78 -13.90
C GLY A 191 5.65 -4.35 -15.31
N TRP A 192 6.70 -4.12 -16.10
CA TRP A 192 6.60 -3.88 -17.53
C TRP A 192 6.89 -5.12 -18.39
N TYR A 193 7.57 -6.11 -17.81
CA TYR A 193 8.15 -7.21 -18.58
C TYR A 193 7.81 -8.54 -17.95
N LYS A 194 7.20 -9.44 -18.72
CA LYS A 194 6.93 -10.78 -18.23
C LYS A 194 7.21 -11.83 -19.29
N VAL A 195 7.77 -12.96 -18.85
CA VAL A 195 7.97 -14.10 -19.73
C VAL A 195 6.67 -14.89 -19.72
N LYS A 196 6.15 -15.15 -20.92
CA LYS A 196 4.97 -15.98 -21.05
C LYS A 196 5.39 -17.16 -21.90
N GLY A 197 6.06 -18.11 -21.25
CA GLY A 197 6.48 -19.35 -21.86
C GLY A 197 7.56 -19.19 -22.90
N ASP A 198 7.14 -19.11 -24.15
CA ASP A 198 8.05 -19.10 -25.28
C ASP A 198 8.40 -17.67 -25.74
N SER A 199 7.84 -16.68 -25.05
CA SER A 199 7.93 -15.29 -25.48
C SER A 199 7.87 -14.30 -24.31
N TRP A 200 8.51 -13.15 -24.49
CA TRP A 200 8.27 -12.01 -23.63
C TRP A 200 7.00 -11.26 -24.00
N VAL A 201 6.34 -10.72 -22.99
CA VAL A 201 5.25 -9.76 -23.16
C VAL A 201 5.67 -8.44 -22.50
N VAL A 202 5.57 -7.37 -23.29
CA VAL A 202 6.05 -6.05 -22.89
C VAL A 202 4.86 -5.11 -22.82
N ASN A 203 4.71 -4.40 -21.71
CA ASN A 203 3.81 -3.25 -21.66
C ASN A 203 4.37 -2.21 -20.70
N THR A 204 5.05 -1.20 -21.26
CA THR A 204 5.62 -0.12 -20.46
C THR A 204 4.68 1.04 -20.28
N GLU A 205 3.41 0.85 -20.71
CA GLU A 205 2.38 1.88 -20.65
C GLU A 205 1.28 1.46 -19.70
N THR A 206 1.71 1.16 -18.47
CA THR A 206 0.81 0.74 -17.41
C THR A 206 0.08 1.93 -16.79
N ASP A 207 -0.88 1.66 -15.90
CA ASP A 207 -1.50 2.74 -15.17
C ASP A 207 -0.50 3.56 -14.36
N GLY A 208 0.56 2.91 -13.86
CA GLY A 208 1.65 3.60 -13.14
C GLY A 208 2.46 4.50 -14.05
N SER A 209 2.80 4.00 -15.23
CA SER A 209 3.49 4.84 -16.23
C SER A 209 2.64 6.07 -16.55
N LYS A 210 1.34 5.85 -16.78
CA LYS A 210 0.47 6.97 -17.08
C LYS A 210 0.37 8.02 -15.95
N ALA A 211 0.30 7.55 -14.70
CA ALA A 211 0.15 8.42 -13.55
C ALA A 211 1.46 9.18 -13.34
N THR A 212 2.57 8.49 -13.55
CA THR A 212 3.93 9.08 -13.41
C THR A 212 4.11 10.18 -14.45
N ALA A 213 3.73 9.89 -15.70
CA ALA A 213 3.82 10.91 -16.75
C ALA A 213 3.00 12.14 -16.41
N ASP A 214 1.77 11.93 -15.95
CA ASP A 214 0.88 13.04 -15.64
C ASP A 214 1.43 13.92 -14.52
N PHE A 215 2.03 13.30 -13.50
CA PHE A 215 2.60 14.04 -12.39
C PHE A 215 3.71 14.96 -12.90
N TYR A 216 4.68 14.40 -13.62
CA TYR A 216 5.79 15.23 -14.11
C TYR A 216 5.33 16.22 -15.17
N GLN A 217 4.35 15.83 -16.00
CA GLN A 217 3.87 16.73 -17.04
C GLN A 217 3.28 17.98 -16.41
N GLN A 218 2.42 17.80 -15.41
CA GLN A 218 1.77 18.94 -14.75
C GLN A 218 2.81 19.83 -14.07
N LEU A 219 3.80 19.21 -13.40
CA LEU A 219 4.93 19.98 -12.84
C LEU A 219 5.72 20.80 -13.87
N LEU A 220 6.06 20.17 -14.98
CA LEU A 220 6.84 20.85 -16.04
C LEU A 220 6.02 21.96 -16.69
N ASP A 221 4.74 21.71 -16.93
CA ASP A 221 3.88 22.71 -17.55
C ASP A 221 3.79 23.94 -16.65
N ALA A 222 3.83 23.72 -15.33
CA ALA A 222 3.67 24.76 -14.34
C ALA A 222 5.02 25.36 -13.97
N LYS A 223 6.08 24.90 -14.63
CA LYS A 223 7.43 25.37 -14.36
C LYS A 223 7.73 25.25 -12.87
N ALA A 224 7.37 24.10 -12.31
CA ALA A 224 7.39 23.85 -10.86
C ALA A 224 8.29 22.65 -10.48
N ALA A 225 9.14 22.23 -11.41
CA ALA A 225 10.20 21.29 -11.07
C ALA A 225 11.48 21.76 -11.74
N THR A 226 12.61 21.56 -11.07
CA THR A 226 13.89 21.81 -11.75
C THR A 226 14.08 20.82 -12.91
N THR A 227 14.83 21.25 -13.93
CA THR A 227 15.12 20.38 -15.07
C THR A 227 16.61 20.10 -15.30
N ASN A 228 17.43 20.46 -14.31
CA ASN A 228 18.88 20.21 -14.39
C ASN A 228 19.15 18.71 -14.37
N PRO A 229 20.07 18.22 -15.22
CA PRO A 229 20.48 16.82 -15.15
C PRO A 229 21.08 16.52 -13.78
N ARG A 230 20.74 15.36 -13.20
CA ARG A 230 21.12 15.04 -11.82
C ARG A 230 22.63 15.14 -11.58
N TRP A 231 23.38 14.73 -12.59
CA TRP A 231 24.83 14.58 -12.44
C TRP A 231 25.60 15.79 -12.94
N ASP A 232 24.88 16.83 -13.35
CA ASP A 232 25.49 18.12 -13.75
C ASP A 232 25.73 19.05 -12.57
N PRO A 233 26.79 19.90 -12.64
CA PRO A 233 27.01 20.90 -11.59
C PRO A 233 25.81 21.80 -11.31
N SER A 234 24.95 22.03 -12.31
CA SER A 234 23.73 22.82 -12.15
C SER A 234 22.79 22.19 -11.11
N PHE A 235 22.80 20.85 -11.01
CA PHE A 235 22.00 20.20 -9.96
C PHE A 235 22.54 20.52 -8.57
N ASP A 236 23.86 20.34 -8.37
CA ASP A 236 24.48 20.69 -7.09
C ASP A 236 24.21 22.14 -6.72
N ALA A 237 24.38 23.04 -7.70
CA ALA A 237 24.14 24.47 -7.49
C ALA A 237 22.74 24.76 -6.97
N SER A 238 21.74 24.00 -7.44
CA SER A 238 20.36 24.22 -7.03
C SER A 238 20.14 23.82 -5.59
N ILE A 239 20.92 22.86 -5.08
CA ILE A 239 20.87 22.50 -3.66
C ILE A 239 21.62 23.56 -2.84
N LYS A 240 22.83 23.88 -3.29
CA LYS A 240 23.70 24.84 -2.58
C LYS A 240 23.03 26.21 -2.39
N ASP A 241 22.34 26.67 -3.43
CA ASP A 241 21.73 28.00 -3.46
C ASP A 241 20.34 28.05 -2.83
N GLY A 242 19.88 26.91 -2.32
CA GLY A 242 18.65 26.85 -1.53
C GLY A 242 17.39 26.76 -2.37
N SER A 243 17.51 26.63 -3.68
CA SER A 243 16.30 26.67 -4.53
C SER A 243 15.61 25.32 -4.61
N LEU A 244 16.41 24.26 -4.74
CA LEU A 244 15.85 22.88 -4.71
C LEU A 244 15.70 22.44 -3.25
N ILE A 245 14.45 22.29 -2.80
CA ILE A 245 14.15 22.04 -1.39
C ILE A 245 13.40 20.72 -1.20
N GLY A 246 13.18 20.02 -2.30
CA GLY A 246 12.55 18.70 -2.21
C GLY A 246 12.79 17.94 -3.48
N THR A 247 12.96 16.62 -3.37
CA THR A 247 13.10 15.79 -4.58
C THR A 247 12.96 14.30 -4.24
N VAL A 248 12.48 13.54 -5.20
CA VAL A 248 12.65 12.09 -5.17
C VAL A 248 14.14 11.80 -5.23
N ALA A 249 14.55 10.77 -4.51
CA ALA A 249 15.93 10.31 -4.55
C ALA A 249 15.98 8.82 -4.29
N ALA A 250 16.92 8.12 -4.94
CA ALA A 250 17.25 6.75 -4.53
C ALA A 250 17.90 6.78 -3.15
N ALA A 251 17.62 5.80 -2.30
CA ALA A 251 18.16 5.83 -0.93
C ALA A 251 19.71 5.96 -0.88
N TRP A 252 20.39 5.37 -1.87
CA TRP A 252 21.88 5.39 -1.90
C TRP A 252 22.42 6.79 -2.22
N GLU A 253 21.53 7.72 -2.59
CA GLU A 253 21.94 9.12 -2.81
C GLU A 253 22.34 9.88 -1.54
N ALA A 254 22.05 9.37 -0.35
CA ALA A 254 22.11 10.22 0.83
C ALA A 254 23.47 10.93 0.98
N PRO A 255 24.57 10.17 1.03
CA PRO A 255 25.85 10.90 1.24
C PRO A 255 26.25 11.73 0.03
N LEU A 256 25.85 11.28 -1.15
CA LEU A 256 26.11 12.03 -2.38
C LEU A 256 25.44 13.40 -2.36
N PHE A 257 24.16 13.39 -2.00
CA PHE A 257 23.35 14.57 -1.85
C PHE A 257 23.94 15.51 -0.80
N MET A 258 24.39 14.94 0.32
CA MET A 258 25.00 15.71 1.42
C MET A 258 26.22 16.44 0.91
N THR A 259 27.10 15.72 0.25
CA THR A 259 28.31 16.31 -0.35
C THR A 259 27.94 17.40 -1.37
N SER A 260 26.96 17.11 -2.22
CA SER A 260 26.53 18.05 -3.27
C SER A 260 25.91 19.33 -2.71
N SER A 261 25.29 19.24 -1.54
CA SER A 261 24.70 20.41 -0.88
C SER A 261 25.74 21.43 -0.42
N GLY A 262 26.99 21.00 -0.24
CA GLY A 262 28.03 21.86 0.34
C GLY A 262 27.79 22.15 1.81
N GLY A 263 26.74 21.57 2.38
CA GLY A 263 26.33 21.84 3.75
C GLY A 263 25.05 22.65 3.85
N THR A 264 24.56 23.16 2.72
CA THR A 264 23.33 23.96 2.71
C THR A 264 22.10 23.18 3.22
N GLY A 265 21.42 23.76 4.21
CA GLY A 265 20.27 23.12 4.85
C GLY A 265 20.62 22.07 5.89
N SER A 266 21.91 21.87 6.18
CA SER A 266 22.28 20.92 7.22
C SER A 266 21.49 21.17 8.52
N GLY A 267 20.93 20.10 9.08
CA GLY A 267 20.06 20.22 10.24
C GLY A 267 18.58 20.35 9.92
N GLU A 268 18.25 20.62 8.66
CA GLU A 268 16.85 20.88 8.28
C GLU A 268 16.29 19.84 7.31
N TRP A 269 17.17 19.10 6.67
CA TRP A 269 16.73 18.06 5.72
C TRP A 269 16.10 16.87 6.44
N GLN A 270 15.11 16.26 5.77
CA GLN A 270 14.44 15.07 6.28
C GLN A 270 14.22 14.08 5.13
N VAL A 271 14.01 12.82 5.49
CA VAL A 271 13.63 11.79 4.52
C VAL A 271 12.19 11.39 4.83
N ALA A 272 11.38 11.32 3.78
CA ALA A 272 9.98 10.83 3.89
C ALA A 272 9.80 9.69 2.88
N GLN A 273 8.83 8.82 3.14
CA GLN A 273 8.37 7.89 2.11
C GLN A 273 7.74 8.65 0.94
N LEU A 274 7.81 8.08 -0.26
CA LEU A 274 7.09 8.67 -1.39
C LEU A 274 5.61 8.79 -1.06
N GLY A 275 5.03 9.91 -1.45
CA GLY A 275 3.58 10.07 -1.38
C GLY A 275 2.97 9.26 -2.50
N ASP A 276 1.63 9.33 -2.58
CA ASP A 276 0.91 8.61 -3.61
C ASP A 276 0.82 9.48 -4.86
N TRP A 277 1.99 9.79 -5.43
CA TRP A 277 2.05 10.76 -6.53
C TRP A 277 2.14 10.16 -7.93
N PHE A 278 2.40 8.85 -7.98
CA PHE A 278 2.80 8.16 -9.20
C PHE A 278 1.89 6.99 -9.56
N GLY A 279 0.68 6.99 -9.00
CA GLY A 279 -0.18 5.78 -9.14
C GLY A 279 0.41 4.57 -8.39
N ASN A 280 1.32 4.86 -7.45
CA ASN A 280 2.11 3.83 -6.76
C ASN A 280 1.40 3.16 -5.60
N ALA A 281 0.27 3.73 -5.17
CA ALA A 281 -0.62 3.15 -4.15
C ALA A 281 0.12 2.61 -2.91
N GLY A 282 0.94 3.46 -2.32
CA GLY A 282 1.61 3.07 -1.08
C GLY A 282 2.88 2.25 -1.24
N LYS A 283 3.30 2.00 -2.48
CA LYS A 283 4.54 1.26 -2.76
C LYS A 283 5.59 2.23 -3.25
N THR A 284 6.84 1.80 -3.16
CA THR A 284 7.90 2.50 -3.90
C THR A 284 8.48 1.54 -4.94
N GLY A 285 9.52 1.95 -5.66
CA GLY A 285 10.07 1.11 -6.68
C GLY A 285 11.58 1.25 -6.64
N PRO A 286 12.28 0.35 -7.37
CA PRO A 286 13.74 0.30 -7.38
C PRO A 286 14.35 1.30 -8.34
N ASP A 287 15.44 1.94 -7.90
CA ASP A 287 16.24 2.78 -8.77
C ASP A 287 17.66 2.31 -8.52
N GLY A 288 18.26 1.60 -9.47
CA GLY A 288 19.54 0.95 -9.19
C GLY A 288 19.47 -0.14 -8.11
N GLY A 289 20.55 -0.30 -7.37
CA GLY A 289 20.74 -1.49 -6.55
C GLY A 289 21.54 -2.49 -7.37
N SER A 290 22.56 -3.07 -6.73
CA SER A 290 23.51 -3.91 -7.45
C SER A 290 23.90 -5.21 -6.78
N ALA A 291 24.31 -6.16 -7.62
CA ALA A 291 25.00 -7.36 -7.16
C ALA A 291 26.45 -7.15 -7.50
N VAL A 292 27.27 -8.11 -7.05
CA VAL A 292 28.61 -8.31 -7.62
C VAL A 292 28.58 -9.72 -8.22
N ALA A 293 28.91 -9.80 -9.49
CA ALA A 293 28.83 -11.07 -10.22
C ALA A 293 30.21 -11.65 -10.48
N VAL A 294 30.25 -12.97 -10.62
CA VAL A 294 31.48 -13.67 -11.01
C VAL A 294 31.45 -13.79 -12.53
N LEU A 295 32.52 -13.37 -13.19
CA LEU A 295 32.55 -13.30 -14.65
C LEU A 295 32.97 -14.63 -15.28
N LYS A 296 32.65 -14.78 -16.57
CA LYS A 296 32.74 -16.04 -17.32
C LYS A 296 33.97 -16.92 -17.08
N ASN A 297 35.14 -16.34 -17.26
CA ASN A 297 36.38 -17.11 -17.23
C ASN A 297 37.22 -16.87 -15.97
N SER A 298 36.58 -16.46 -14.88
CA SER A 298 37.25 -16.51 -13.58
C SER A 298 37.66 -17.96 -13.26
N LYS A 299 38.92 -18.14 -12.91
CA LYS A 299 39.47 -19.45 -12.56
C LYS A 299 39.18 -19.82 -11.11
N HIS A 300 38.75 -18.85 -10.31
CA HIS A 300 38.60 -19.05 -8.89
C HIS A 300 37.25 -18.60 -8.36
N PRO A 301 36.16 -19.19 -8.90
CA PRO A 301 34.83 -18.79 -8.42
C PRO A 301 34.60 -19.04 -6.93
N LYS A 302 35.14 -20.12 -6.37
CA LYS A 302 34.91 -20.38 -4.94
C LYS A 302 35.50 -19.29 -4.06
N GLU A 303 36.75 -18.94 -4.31
CA GLU A 303 37.39 -17.93 -3.49
C GLU A 303 36.89 -16.52 -3.80
N ALA A 304 36.56 -16.23 -5.05
CA ALA A 304 35.86 -15.00 -5.35
C ALA A 304 34.61 -14.83 -4.50
N MET A 305 33.82 -15.90 -4.40
CA MET A 305 32.57 -15.85 -3.64
C MET A 305 32.80 -15.82 -2.12
N GLU A 306 33.85 -16.48 -1.67
CA GLU A 306 34.25 -16.45 -0.26
C GLU A 306 34.53 -15.00 0.18
N PHE A 307 35.39 -14.34 -0.60
CA PHE A 307 35.68 -12.94 -0.35
C PHE A 307 34.43 -12.08 -0.47
N LEU A 308 33.63 -12.31 -1.52
CA LEU A 308 32.45 -11.48 -1.77
C LEU A 308 31.46 -11.52 -0.61
N ASP A 309 31.22 -12.72 -0.07
CA ASP A 309 30.36 -12.85 1.07
C ASP A 309 30.88 -12.03 2.24
N TRP A 310 32.19 -12.07 2.49
CA TRP A 310 32.75 -11.23 3.53
C TRP A 310 32.52 -9.75 3.20
N PHE A 311 32.88 -9.34 1.98
CA PHE A 311 32.80 -7.92 1.63
C PHE A 311 31.38 -7.41 1.76
N ASN A 312 30.42 -8.18 1.26
CA ASN A 312 29.02 -7.75 1.24
C ASN A 312 28.33 -7.83 2.59
N THR A 313 29.05 -8.35 3.59
CA THR A 313 28.56 -8.33 4.98
C THR A 313 29.31 -7.35 5.90
N GLN A 314 30.15 -6.49 5.32
CA GLN A 314 30.78 -5.40 6.10
C GLN A 314 29.83 -4.21 6.19
N VAL A 315 28.72 -4.41 6.91
CA VAL A 315 27.60 -3.49 6.87
C VAL A 315 27.96 -2.02 7.10
N PRO A 316 28.59 -1.69 8.24
CA PRO A 316 28.89 -0.25 8.44
C PRO A 316 29.73 0.37 7.30
N ASP A 317 30.71 -0.38 6.79
CA ASP A 317 31.58 0.15 5.75
C ASP A 317 30.79 0.38 4.46
N LEU A 318 29.93 -0.57 4.10
CA LEU A 318 29.04 -0.39 2.94
C LEU A 318 28.09 0.79 3.14
N VAL A 319 27.51 0.90 4.33
CA VAL A 319 26.64 2.03 4.64
C VAL A 319 27.36 3.34 4.43
N SER A 320 28.65 3.40 4.79
CA SER A 320 29.42 4.62 4.60
C SER A 320 29.46 5.10 3.14
N GLN A 321 29.39 4.15 2.21
CA GLN A 321 29.35 4.42 0.76
C GLN A 321 27.96 4.83 0.27
N GLY A 322 27.02 4.86 1.20
CA GLY A 322 25.62 5.20 0.92
C GLY A 322 24.74 4.00 0.70
N LEU A 323 25.32 2.80 0.74
CA LEU A 323 24.55 1.59 0.40
C LEU A 323 23.54 1.24 1.46
N VAL A 324 22.39 0.73 0.98
CA VAL A 324 21.41 0.09 1.86
C VAL A 324 21.66 -1.41 1.66
N PRO A 325 22.45 -2.03 2.55
CA PRO A 325 22.92 -3.39 2.28
C PRO A 325 21.85 -4.45 2.11
N ALA A 326 22.13 -5.39 1.22
CA ALA A 326 21.30 -6.62 1.10
C ALA A 326 21.54 -7.58 2.27
N ALA A 327 22.68 -7.43 2.93
CA ALA A 327 23.03 -8.33 4.05
C ALA A 327 22.04 -8.24 5.17
N THR A 328 21.77 -9.37 5.83
CA THR A 328 20.89 -9.40 6.98
C THR A 328 21.65 -9.81 8.23
N THR A 329 22.98 -9.86 8.15
CA THR A 329 23.82 -10.36 9.24
C THR A 329 23.85 -9.42 10.45
N GLU A 330 23.60 -8.12 10.24
CA GLU A 330 23.51 -7.13 11.31
C GLU A 330 22.68 -5.95 10.79
N ASP A 331 22.08 -5.18 11.70
CA ASP A 331 21.24 -4.04 11.31
C ASP A 331 22.13 -2.92 10.77
N ALA A 332 21.71 -2.31 9.66
CA ALA A 332 22.37 -1.08 9.19
C ALA A 332 21.97 0.08 10.11
N GLU A 333 22.93 0.92 10.44
CA GLU A 333 22.71 2.05 11.32
C GLU A 333 23.07 3.35 10.63
N THR A 334 22.30 4.39 10.91
CA THR A 334 22.56 5.71 10.33
C THR A 334 23.87 6.27 10.91
N PRO A 335 24.86 6.59 10.05
CA PRO A 335 26.06 7.26 10.58
C PRO A 335 25.76 8.59 11.26
N SER A 336 26.50 8.92 12.31
CA SER A 336 26.28 10.17 13.03
C SER A 336 26.30 11.44 12.15
N GLU A 337 27.17 11.49 11.16
CA GLU A 337 27.23 12.62 10.21
C GLU A 337 25.93 12.80 9.41
N TRP A 338 25.35 11.67 8.99
CA TRP A 338 24.08 11.71 8.25
C TRP A 338 22.91 12.18 9.09
N SER A 339 22.76 11.63 10.30
CA SER A 339 21.66 12.06 11.16
C SER A 339 21.79 13.56 11.46
N THR A 340 23.02 14.04 11.63
CA THR A 340 23.25 15.46 11.90
C THR A 340 22.77 16.33 10.73
N PHE A 341 23.14 15.94 9.51
CA PHE A 341 22.66 16.64 8.31
C PHE A 341 21.15 16.56 8.20
N PHE A 342 20.61 15.37 8.44
CA PHE A 342 19.17 15.16 8.33
C PHE A 342 18.40 15.42 9.63
N GLY A 343 18.76 16.52 10.30
CA GLY A 343 17.98 17.03 11.44
C GLY A 343 17.78 16.08 12.60
N GLY A 344 18.78 15.25 12.88
CA GLY A 344 18.69 14.23 13.90
C GLY A 344 17.96 12.94 13.52
N GLN A 345 17.55 12.82 12.25
CA GLN A 345 16.70 11.69 11.83
C GLN A 345 17.48 10.40 11.63
N ASP A 346 16.88 9.29 12.06
CA ASP A 346 17.42 7.96 11.80
C ASP A 346 16.97 7.60 10.38
N ILE A 347 17.68 8.10 9.38
CA ILE A 347 17.20 7.94 7.99
C ILE A 347 17.26 6.50 7.48
N MET A 348 18.17 5.69 8.05
CA MET A 348 18.27 4.30 7.67
C MET A 348 16.96 3.59 7.95
N LYS A 349 16.29 3.97 9.02
CA LYS A 349 14.98 3.38 9.32
C LYS A 349 13.98 3.65 8.19
N GLU A 350 14.04 4.85 7.63
CA GLU A 350 13.19 5.20 6.49
C GLU A 350 13.59 4.38 5.27
N PHE A 351 14.89 4.18 5.07
CA PHE A 351 15.32 3.36 3.95
C PHE A 351 14.85 1.91 4.05
N LYS A 352 14.82 1.38 5.27
CA LYS A 352 14.37 0.02 5.52
C LYS A 352 12.88 -0.11 5.29
N THR A 353 12.14 0.89 5.74
CA THR A 353 10.70 0.91 5.50
C THR A 353 10.46 0.91 3.99
N ALA A 354 11.18 1.77 3.28
CA ALA A 354 10.99 1.89 1.83
C ALA A 354 11.30 0.56 1.13
N ASN A 355 12.43 -0.03 1.49
CA ASN A 355 12.81 -1.32 0.94
C ASN A 355 11.71 -2.37 1.14
N ASN A 356 11.11 -2.38 2.32
CA ASN A 356 10.09 -3.38 2.64
C ASN A 356 8.80 -3.13 1.86
N ASN A 357 8.66 -1.92 1.30
CA ASN A 357 7.46 -1.53 0.56
C ASN A 357 7.77 -1.37 -0.93
N MET A 358 8.91 -1.90 -1.35
CA MET A 358 9.36 -1.71 -2.74
C MET A 358 8.83 -2.82 -3.64
N GLY A 359 8.16 -2.43 -4.72
CA GLY A 359 7.68 -3.43 -5.69
C GLY A 359 8.76 -4.21 -6.43
N ASP A 360 8.45 -5.48 -6.72
CA ASP A 360 9.33 -6.31 -7.52
C ASP A 360 9.24 -5.85 -8.96
N PHE A 361 10.34 -5.93 -9.69
CA PHE A 361 10.36 -5.46 -11.10
C PHE A 361 11.37 -6.26 -11.92
N THR A 362 10.86 -7.11 -12.80
CA THR A 362 11.70 -7.86 -13.74
C THR A 362 12.24 -6.89 -14.81
N TYR A 363 13.57 -6.94 -15.03
CA TYR A 363 14.17 -6.20 -16.15
C TYR A 363 14.47 -7.14 -17.32
N MET A 364 13.95 -6.81 -18.51
CA MET A 364 14.31 -7.57 -19.71
C MET A 364 15.80 -7.49 -20.00
N PRO A 365 16.36 -8.53 -20.61
CA PRO A 365 17.75 -8.40 -21.13
C PRO A 365 17.81 -7.29 -22.16
N GLY A 366 18.79 -6.38 -22.03
CA GLY A 366 18.89 -5.25 -22.95
C GLY A 366 18.23 -3.96 -22.46
N PHE A 367 17.88 -3.94 -21.18
CA PHE A 367 17.21 -2.77 -20.60
C PHE A 367 18.08 -1.50 -20.72
N SER A 368 19.38 -1.68 -20.88
CA SER A 368 20.24 -0.52 -21.04
C SER A 368 19.83 0.37 -22.22
N ALA A 369 19.39 -0.25 -23.31
CA ALA A 369 18.90 0.47 -24.49
C ALA A 369 17.58 1.17 -24.20
N VAL A 370 16.73 0.52 -23.40
CA VAL A 370 15.49 1.15 -22.98
C VAL A 370 15.75 2.38 -22.13
N ALA A 371 16.63 2.23 -21.14
CA ALA A 371 16.99 3.35 -20.30
C ALA A 371 17.61 4.50 -21.12
N ALA A 372 18.45 4.15 -22.09
CA ALA A 372 19.06 5.14 -22.98
C ALA A 372 17.99 5.94 -23.73
N LYS A 373 17.00 5.22 -24.28
CA LYS A 373 15.90 5.86 -25.03
C LYS A 373 15.06 6.71 -24.11
N MET A 374 14.76 6.19 -22.92
CA MET A 374 13.99 6.94 -21.92
C MET A 374 14.63 8.28 -21.58
N ASN A 375 15.96 8.28 -21.40
CA ASN A 375 16.68 9.51 -21.10
C ASN A 375 16.64 10.52 -22.27
N GLU A 376 16.83 10.03 -23.47
CA GLU A 376 16.78 10.87 -24.66
C GLU A 376 15.41 11.52 -24.79
N THR A 377 14.36 10.71 -24.67
CA THR A 377 13.01 11.26 -24.77
C THR A 377 12.66 12.18 -23.59
N ALA A 378 13.14 11.83 -22.38
CA ALA A 378 12.89 12.62 -21.18
C ALA A 378 13.44 14.04 -21.39
N ALA A 379 14.61 14.14 -22.02
CA ALA A 379 15.20 15.45 -22.24
C ALA A 379 14.37 16.37 -23.14
N LYS A 380 13.58 15.78 -24.04
CA LYS A 380 12.70 16.55 -24.94
C LYS A 380 11.60 17.29 -24.16
N ALA A 381 11.22 16.75 -22.98
CA ALA A 381 10.13 17.35 -22.20
C ALA A 381 10.53 18.63 -21.47
N THR A 382 11.82 18.87 -21.32
CA THR A 382 12.32 19.98 -20.50
C THR A 382 12.06 21.35 -21.13
N ASP A 383 12.00 21.41 -22.46
CA ASP A 383 11.69 22.67 -23.15
C ASP A 383 10.32 22.63 -23.84
N GLY A 384 9.54 21.59 -23.52
CA GLY A 384 8.21 21.44 -24.06
C GLY A 384 8.16 20.94 -25.49
N SER A 385 9.30 20.49 -26.03
CA SER A 385 9.30 19.91 -27.39
C SER A 385 8.76 18.46 -27.42
N GLY A 386 8.77 17.79 -26.28
CA GLY A 386 8.19 16.45 -26.16
C GLY A 386 7.27 16.37 -24.94
N LYS A 387 6.41 15.36 -24.90
CA LYS A 387 5.58 15.10 -23.70
C LYS A 387 6.22 14.06 -22.79
N VAL A 388 5.98 14.18 -21.50
CA VAL A 388 6.52 13.18 -20.58
C VAL A 388 5.98 11.76 -20.91
N ALA A 389 4.73 11.67 -21.33
CA ALA A 389 4.16 10.36 -21.68
C ALA A 389 4.93 9.62 -22.77
N ASP A 390 5.63 10.38 -23.64
CA ASP A 390 6.37 9.80 -24.75
C ASP A 390 7.55 8.97 -24.28
N ILE A 391 8.07 9.27 -23.08
CA ILE A 391 9.09 8.43 -22.45
C ILE A 391 8.63 6.97 -22.48
N PHE A 392 7.37 6.75 -22.10
CA PHE A 392 6.85 5.39 -21.95
C PHE A 392 6.41 4.73 -23.23
N SER A 393 5.87 5.52 -24.17
CA SER A 393 5.58 4.95 -25.48
C SER A 393 6.86 4.62 -26.23
N ASP A 394 7.89 5.45 -26.10
CA ASP A 394 9.17 5.09 -26.68
C ASP A 394 9.84 3.89 -26.02
N ALA A 395 9.77 3.82 -24.69
CA ALA A 395 10.26 2.67 -23.98
C ALA A 395 9.61 1.36 -24.51
N GLN A 396 8.31 1.42 -24.77
CA GLN A 396 7.60 0.23 -25.29
C GLN A 396 8.25 -0.28 -26.58
N THR A 397 8.37 0.62 -27.55
CA THR A 397 8.95 0.29 -28.82
C THR A 397 10.41 -0.14 -28.73
N THR A 398 11.23 0.59 -27.98
CA THR A 398 12.63 0.19 -27.80
C THR A 398 12.81 -1.16 -27.06
N SER A 399 11.92 -1.44 -26.11
CA SER A 399 11.94 -2.71 -25.40
C SER A 399 11.69 -3.87 -26.37
N VAL A 400 10.60 -3.78 -27.13
CA VAL A 400 10.32 -4.82 -28.12
C VAL A 400 11.46 -4.98 -29.15
N ASP A 401 11.97 -3.86 -29.67
CA ASP A 401 13.04 -3.91 -30.67
C ASP A 401 14.30 -4.56 -30.10
N THR A 402 14.61 -4.21 -28.85
CA THR A 402 15.84 -4.68 -28.23
C THR A 402 15.79 -6.20 -28.00
N LEU A 403 14.64 -6.70 -27.52
CA LEU A 403 14.44 -8.14 -27.32
C LEU A 403 14.64 -8.88 -28.65
N LYS A 404 14.00 -8.38 -29.70
CA LYS A 404 14.15 -8.96 -31.05
C LYS A 404 15.59 -8.93 -31.53
N ASN A 405 16.30 -7.83 -31.24
CA ASN A 405 17.72 -7.71 -31.61
C ASN A 405 18.60 -8.73 -30.90
N PHE A 406 18.14 -9.21 -29.75
CA PHE A 406 18.83 -10.25 -28.99
C PHE A 406 18.47 -11.64 -29.51
N GLY A 407 17.51 -11.69 -30.41
CA GLY A 407 17.05 -12.95 -30.98
C GLY A 407 16.00 -13.60 -30.10
N LEU A 408 15.41 -12.81 -29.21
CA LEU A 408 14.39 -13.31 -28.30
C LEU A 408 12.99 -13.08 -28.87
N SER A 409 12.09 -13.98 -28.54
CA SER A 409 10.75 -13.90 -29.08
C SER A 409 9.90 -12.94 -28.25
N VAL A 410 9.10 -12.15 -28.95
CA VAL A 410 8.18 -11.21 -28.30
C VAL A 410 6.78 -11.47 -28.79
N SER A 411 5.86 -11.60 -27.85
CA SER A 411 4.46 -11.78 -28.20
C SER A 411 3.82 -10.40 -28.39
N THR B 10 -23.73 -17.10 47.68
CA THR B 10 -23.83 -15.81 46.94
C THR B 10 -23.69 -15.97 45.42
N ASP B 11 -23.50 -17.21 44.96
CA ASP B 11 -23.55 -17.49 43.53
C ASP B 11 -24.92 -17.21 42.93
N ASP B 12 -24.96 -17.08 41.61
CA ASP B 12 -26.22 -16.94 40.91
C ASP B 12 -27.08 -18.17 41.14
N GLY B 13 -28.38 -18.00 40.89
CA GLY B 13 -29.29 -19.13 40.82
C GLY B 13 -28.92 -20.11 39.74
N GLY B 14 -29.50 -21.30 39.81
CA GLY B 14 -29.21 -22.39 38.91
C GLY B 14 -29.31 -22.04 37.44
N VAL B 15 -30.35 -21.30 37.08
CA VAL B 15 -30.57 -20.81 35.72
C VAL B 15 -30.48 -19.28 35.67
N VAL B 16 -29.54 -18.77 34.86
CA VAL B 16 -29.48 -17.37 34.50
C VAL B 16 -30.01 -17.22 33.08
N ASN B 17 -30.89 -16.23 32.86
CA ASN B 17 -31.43 -15.96 31.52
C ASN B 17 -30.84 -14.69 30.94
N ILE B 18 -30.29 -14.85 29.74
CA ILE B 18 -29.58 -13.78 29.03
C ILE B 18 -30.38 -13.46 27.78
N THR B 19 -30.44 -12.18 27.43
CA THR B 19 -31.06 -11.78 26.17
C THR B 19 -30.05 -11.04 25.30
N TYR B 20 -30.21 -11.20 23.98
CA TYR B 20 -29.25 -10.71 22.99
C TYR B 20 -30.05 -10.20 21.81
N MET B 21 -29.96 -8.90 21.57
CA MET B 21 -30.55 -8.31 20.36
C MET B 21 -29.47 -8.17 19.29
N HIS B 22 -29.78 -8.65 18.09
CA HIS B 22 -28.83 -8.61 16.98
C HIS B 22 -29.50 -8.06 15.72
N ARG B 23 -28.70 -7.68 14.75
CA ARG B 23 -29.21 -7.32 13.44
C ARG B 23 -28.47 -8.08 12.32
N LEU B 24 -28.20 -9.36 12.58
CA LEU B 24 -27.65 -10.22 11.51
C LEU B 24 -28.75 -10.61 10.53
N PRO B 25 -28.40 -10.82 9.25
CA PRO B 25 -29.42 -10.99 8.20
C PRO B 25 -30.37 -12.18 8.37
N ASP B 26 -29.87 -13.32 8.82
CA ASP B 26 -30.75 -14.50 8.98
C ASP B 26 -31.53 -14.81 7.69
N SER B 27 -30.85 -14.69 6.55
CA SER B 27 -31.44 -15.03 5.24
C SER B 27 -31.49 -16.53 5.00
N GLU B 28 -32.30 -16.95 4.02
CA GLU B 28 -32.45 -18.38 3.73
C GLU B 28 -31.10 -19.06 3.44
N GLY B 29 -30.88 -20.21 4.09
CA GLY B 29 -29.63 -20.96 3.90
C GLY B 29 -28.56 -20.61 4.91
N MET B 30 -28.64 -19.42 5.51
CA MET B 30 -27.68 -19.06 6.55
C MET B 30 -27.93 -19.92 7.77
N THR B 31 -26.89 -20.08 8.59
CA THR B 31 -27.06 -20.71 9.90
C THR B 31 -27.69 -19.66 10.82
N LEU B 32 -28.98 -19.82 11.10
CA LEU B 32 -29.71 -18.78 11.79
C LEU B 32 -29.27 -18.56 13.21
N VAL B 33 -29.31 -17.30 13.67
CA VAL B 33 -28.90 -16.98 15.03
C VAL B 33 -29.59 -17.86 16.08
N ASN B 34 -30.89 -18.10 15.91
CA ASN B 34 -31.58 -18.93 16.89
C ASN B 34 -31.08 -20.37 16.94
N ASP B 35 -30.62 -20.86 15.79
CA ASP B 35 -30.07 -22.19 15.67
C ASP B 35 -28.66 -22.28 16.28
N ILE B 36 -27.86 -21.24 16.09
CA ILE B 36 -26.60 -21.15 16.82
C ILE B 36 -26.85 -21.14 18.33
N VAL B 37 -27.76 -20.27 18.79
CA VAL B 37 -28.06 -20.12 20.20
C VAL B 37 -28.65 -21.44 20.73
N ALA B 38 -29.43 -22.14 19.91
CA ALA B 38 -30.01 -23.43 20.34
C ALA B 38 -28.92 -24.43 20.76
N LYS B 39 -27.79 -24.42 20.03
CA LYS B 39 -26.64 -25.27 20.37
C LYS B 39 -26.08 -24.92 21.75
N TRP B 40 -25.97 -23.63 22.03
CA TRP B 40 -25.48 -23.17 23.33
C TRP B 40 -26.47 -23.64 24.41
N ASN B 41 -27.75 -23.41 24.13
CA ASN B 41 -28.76 -23.69 25.15
C ASN B 41 -28.83 -25.17 25.52
N LYS B 42 -28.60 -26.04 24.54
CA LYS B 42 -28.60 -27.49 24.79
C LYS B 42 -27.46 -27.88 25.73
N GLN B 43 -26.30 -27.22 25.62
CA GLN B 43 -25.14 -27.54 26.43
C GLN B 43 -25.16 -26.81 27.77
N HIS B 44 -25.97 -25.76 27.88
CA HIS B 44 -25.90 -24.88 29.06
C HIS B 44 -27.23 -24.54 29.70
N PRO B 45 -27.83 -25.52 30.38
CA PRO B 45 -29.06 -25.19 31.11
C PRO B 45 -28.86 -24.08 32.14
N ASP B 46 -27.60 -23.87 32.56
CA ASP B 46 -27.27 -22.87 33.56
C ASP B 46 -27.25 -21.44 33.06
N ILE B 47 -27.13 -21.28 31.73
CA ILE B 47 -27.10 -19.96 31.08
C ILE B 47 -27.96 -20.06 29.82
N GLN B 48 -29.24 -19.72 29.94
CA GLN B 48 -30.17 -19.82 28.83
C GLN B 48 -30.26 -18.49 28.12
N VAL B 49 -30.18 -18.52 26.80
CA VAL B 49 -30.07 -17.31 26.01
C VAL B 49 -31.26 -17.20 25.06
N LYS B 50 -31.89 -16.03 25.02
CA LYS B 50 -32.86 -15.74 23.97
C LYS B 50 -32.34 -14.60 23.11
N ALA B 51 -32.20 -14.88 21.82
CA ALA B 51 -31.73 -13.89 20.87
C ALA B 51 -32.91 -13.44 20.03
N THR B 52 -32.92 -12.14 19.72
CA THR B 52 -33.98 -11.56 18.91
C THR B 52 -33.39 -10.67 17.83
N LYS B 53 -33.91 -10.82 16.61
CA LYS B 53 -33.49 -9.96 15.49
C LYS B 53 -34.27 -8.66 15.51
N PHE B 54 -33.54 -7.55 15.45
CA PHE B 54 -34.15 -6.21 15.44
C PHE B 54 -35.06 -6.05 14.22
N ASP B 55 -36.26 -5.52 14.44
CA ASP B 55 -37.29 -5.47 13.41
C ASP B 55 -37.16 -4.33 12.40
N GLY B 56 -36.26 -3.37 12.66
CA GLY B 56 -36.17 -2.17 11.83
C GLY B 56 -34.92 -2.11 10.98
N LYS B 57 -34.65 -0.93 10.45
CA LYS B 57 -33.50 -0.67 9.59
C LYS B 57 -32.26 -0.61 10.48
N ALA B 58 -31.12 -1.07 9.95
CA ALA B 58 -29.95 -1.30 10.79
C ALA B 58 -29.58 -0.09 11.64
N SER B 59 -29.63 1.07 11.00
CA SER B 59 -29.23 2.35 11.56
C SER B 59 -30.14 2.86 12.69
N ASP B 60 -31.31 2.25 12.84
CA ASP B 60 -32.25 2.61 13.90
C ASP B 60 -32.16 1.72 15.14
N MET B 61 -31.37 0.65 15.06
CA MET B 61 -31.23 -0.24 16.22
C MET B 61 -30.80 0.49 17.49
N ILE B 62 -29.77 1.35 17.41
CA ILE B 62 -29.25 2.00 18.62
C ILE B 62 -30.27 3.00 19.20
N LYS B 63 -31.21 3.41 18.37
CA LYS B 63 -32.32 4.25 18.84
C LYS B 63 -33.29 3.41 19.66
N LYS B 64 -33.64 2.21 19.21
CA LYS B 64 -34.47 1.31 20.03
C LYS B 64 -33.71 0.97 21.34
N LEU B 65 -32.40 0.78 21.23
CA LEU B 65 -31.59 0.42 22.40
C LEU B 65 -31.63 1.49 23.48
N GLU B 66 -31.51 2.74 23.05
CA GLU B 66 -31.55 3.88 23.96
C GLU B 66 -32.89 3.94 24.70
N THR B 67 -33.99 3.80 23.97
CA THR B 67 -35.35 3.72 24.54
C THR B 67 -35.53 2.54 25.50
N ASP B 68 -35.01 1.38 25.12
CA ASP B 68 -35.09 0.20 25.98
C ASP B 68 -34.31 0.42 27.28
N VAL B 69 -33.10 0.96 27.18
CA VAL B 69 -32.24 1.18 28.35
C VAL B 69 -32.88 2.18 29.31
N LYS B 70 -33.39 3.28 28.77
CA LYS B 70 -34.07 4.29 29.59
C LYS B 70 -35.31 3.74 30.30
N SER B 71 -36.03 2.83 29.63
CA SER B 71 -37.27 2.25 30.20
C SER B 71 -37.09 0.91 30.95
N GLY B 72 -35.85 0.45 31.07
CA GLY B 72 -35.57 -0.80 31.77
C GLY B 72 -36.13 -2.05 31.08
N GLU B 73 -36.20 -2.03 29.74
CA GLU B 73 -36.54 -3.23 29.00
C GLU B 73 -35.46 -3.61 27.98
N ALA B 74 -34.22 -3.25 28.28
CA ALA B 74 -33.11 -3.55 27.37
C ALA B 74 -32.58 -4.98 27.54
N PRO B 75 -32.00 -5.53 26.47
CA PRO B 75 -31.37 -6.84 26.60
C PRO B 75 -30.03 -6.75 27.33
N ASP B 76 -29.50 -7.89 27.76
CA ASP B 76 -28.17 -7.95 28.34
C ASP B 76 -27.13 -7.57 27.28
N LEU B 77 -27.34 -8.08 26.07
CA LEU B 77 -26.35 -7.94 24.97
C LEU B 77 -27.02 -7.34 23.75
N ALA B 78 -26.30 -6.51 23.03
CA ALA B 78 -26.81 -5.93 21.80
C ALA B 78 -25.69 -5.62 20.83
N GLN B 79 -25.95 -5.92 19.56
CA GLN B 79 -25.03 -5.53 18.50
C GLN B 79 -24.86 -4.01 18.46
N VAL B 80 -23.62 -3.54 18.37
CA VAL B 80 -23.32 -2.12 18.35
C VAL B 80 -22.16 -2.00 17.37
N GLY B 81 -22.36 -1.22 16.31
CA GLY B 81 -21.30 -1.04 15.32
C GLY B 81 -20.12 -0.38 15.99
N TYR B 82 -18.90 -0.66 15.53
CA TYR B 82 -17.75 0.08 16.06
C TYR B 82 -17.98 1.59 15.95
N ALA B 83 -18.62 2.02 14.87
CA ALA B 83 -18.88 3.44 14.63
C ALA B 83 -19.92 4.03 15.58
N GLU B 84 -20.75 3.14 16.17
CA GLU B 84 -21.83 3.52 17.08
C GLU B 84 -21.40 3.46 18.55
N LEU B 85 -20.32 2.73 18.84
CA LEU B 85 -19.89 2.49 20.21
C LEU B 85 -19.61 3.78 21.00
N PRO B 86 -18.79 4.72 20.45
CA PRO B 86 -18.57 5.98 21.18
C PRO B 86 -19.91 6.68 21.46
N GLU B 87 -20.80 6.70 20.48
CA GLU B 87 -22.07 7.34 20.67
C GLU B 87 -22.81 6.75 21.87
N VAL B 88 -22.98 5.42 21.89
CA VAL B 88 -23.79 4.79 22.96
C VAL B 88 -23.07 4.79 24.30
N PHE B 89 -21.73 4.79 24.27
CA PHE B 89 -20.93 4.93 25.49
C PHE B 89 -21.21 6.29 26.12
N THR B 90 -21.11 7.35 25.31
CA THR B 90 -21.31 8.72 25.78
C THR B 90 -22.73 8.97 26.31
N LYS B 91 -23.71 8.27 25.74
CA LYS B 91 -25.08 8.29 26.22
C LYS B 91 -25.30 7.46 27.50
N GLY B 92 -24.24 6.78 27.95
CA GLY B 92 -24.28 5.96 29.18
C GLY B 92 -25.05 4.64 29.10
N LEU B 93 -25.07 4.04 27.91
CA LEU B 93 -25.93 2.91 27.62
C LEU B 93 -25.26 1.56 27.86
N LEU B 94 -23.95 1.61 28.08
CA LEU B 94 -23.08 0.43 28.20
C LEU B 94 -22.63 0.12 29.62
N GLN B 95 -22.18 -1.12 29.83
CA GLN B 95 -21.62 -1.55 31.13
C GLN B 95 -20.15 -1.94 30.96
N ASP B 96 -19.30 -1.38 31.82
CA ASP B 96 -17.88 -1.73 31.89
C ASP B 96 -17.68 -3.22 32.25
N VAL B 97 -17.14 -3.98 31.30
CA VAL B 97 -16.92 -5.43 31.50
C VAL B 97 -15.44 -5.80 31.31
N THR B 98 -14.56 -4.85 31.59
CA THR B 98 -13.14 -5.06 31.48
C THR B 98 -12.68 -6.36 32.15
N GLN B 99 -13.14 -6.60 33.37
CA GLN B 99 -12.66 -7.79 34.09
C GLN B 99 -13.05 -9.11 33.44
N TYR B 100 -14.04 -9.08 32.55
CA TYR B 100 -14.49 -10.26 31.82
C TYR B 100 -13.84 -10.32 30.44
N ALA B 101 -13.87 -9.19 29.73
CA ALA B 101 -13.28 -9.13 28.39
C ALA B 101 -11.82 -9.59 28.39
N GLU B 102 -11.09 -9.25 29.45
CA GLU B 102 -9.67 -9.59 29.59
C GLU B 102 -9.42 -11.10 29.47
N GLN B 103 -10.39 -11.90 29.94
CA GLN B 103 -10.28 -13.36 29.86
C GLN B 103 -10.36 -13.90 28.44
N TYR B 104 -11.07 -13.19 27.57
CA TYR B 104 -11.33 -13.70 26.21
C TYR B 104 -10.56 -13.01 25.09
N LYS B 105 -9.77 -12.00 25.45
CA LYS B 105 -9.09 -11.16 24.45
C LYS B 105 -8.28 -11.93 23.43
N ASN B 106 -7.61 -13.02 23.85
CA ASN B 106 -6.76 -13.78 22.93
C ASN B 106 -7.53 -14.59 21.88
N ASP B 107 -8.86 -14.64 22.00
CA ASP B 107 -9.70 -15.24 20.98
C ASP B 107 -9.91 -14.35 19.75
N PHE B 108 -9.46 -13.09 19.83
CA PHE B 108 -9.81 -12.08 18.85
C PHE B 108 -8.62 -11.34 18.30
N ALA B 109 -8.75 -10.87 17.06
CA ALA B 109 -7.73 -9.98 16.50
C ALA B 109 -7.60 -8.70 17.34
N SER B 110 -6.37 -8.19 17.47
CA SER B 110 -6.07 -7.08 18.38
C SER B 110 -6.73 -5.75 17.99
N GLY B 111 -6.82 -5.48 16.69
CA GLY B 111 -7.48 -4.26 16.22
C GLY B 111 -8.95 -4.21 16.60
N PRO B 112 -9.72 -5.19 16.12
CA PRO B 112 -11.13 -5.23 16.55
C PRO B 112 -11.31 -5.21 18.07
N TYR B 113 -10.44 -5.93 18.80
CA TYR B 113 -10.53 -5.92 20.25
C TYR B 113 -10.32 -4.52 20.84
N SER B 114 -9.41 -3.75 20.25
CA SER B 114 -9.19 -2.38 20.71
C SER B 114 -10.43 -1.48 20.51
N LEU B 115 -11.31 -1.88 19.59
CA LEU B 115 -12.50 -1.10 19.23
C LEU B 115 -13.70 -1.30 20.18
N VAL B 116 -13.57 -2.21 21.14
CA VAL B 116 -14.60 -2.35 22.19
C VAL B 116 -14.19 -1.62 23.47
N GLN B 117 -13.06 -0.92 23.38
CA GLN B 117 -12.51 -0.22 24.52
C GLN B 117 -12.70 1.29 24.42
N VAL B 118 -13.00 1.90 25.56
CA VAL B 118 -13.02 3.36 25.68
C VAL B 118 -12.24 3.71 26.95
N GLY B 119 -11.13 4.42 26.78
CA GLY B 119 -10.34 4.91 27.90
C GLY B 119 -9.88 3.80 28.81
N GLY B 120 -9.41 2.71 28.20
CA GLY B 120 -8.80 1.61 28.92
C GLY B 120 -9.77 0.52 29.37
N LYS B 121 -11.06 0.78 29.18
CA LYS B 121 -12.13 -0.10 29.67
C LYS B 121 -12.87 -0.78 28.52
N ALA B 122 -13.25 -2.03 28.72
CA ALA B 122 -13.95 -2.81 27.67
C ALA B 122 -15.45 -2.88 27.93
N TYR B 123 -16.23 -2.83 26.85
CA TYR B 123 -17.70 -2.80 26.92
C TYR B 123 -18.41 -3.94 26.19
N GLY B 124 -17.64 -4.93 25.76
CA GLY B 124 -18.17 -6.06 25.00
C GLY B 124 -17.09 -6.86 24.33
N LEU B 125 -17.43 -7.56 23.26
CA LEU B 125 -16.40 -8.24 22.47
C LEU B 125 -16.63 -7.96 20.98
N PRO B 126 -15.54 -7.88 20.20
CA PRO B 126 -15.72 -7.65 18.76
C PRO B 126 -16.32 -8.86 18.05
N GLN B 127 -17.09 -8.60 17.00
CA GLN B 127 -17.72 -9.69 16.24
C GLN B 127 -17.18 -9.84 14.82
N ASP B 128 -17.05 -8.74 14.10
CA ASP B 128 -16.71 -8.85 12.67
C ASP B 128 -16.04 -7.57 12.22
N THR B 129 -15.50 -7.56 11.00
CA THR B 129 -14.96 -6.32 10.45
C THR B 129 -15.52 -6.06 9.06
N GLY B 130 -15.43 -4.81 8.61
CA GLY B 130 -16.07 -4.44 7.34
C GLY B 130 -15.15 -3.73 6.36
N PRO B 131 -14.05 -4.40 5.96
CA PRO B 131 -13.17 -3.76 4.98
C PRO B 131 -13.88 -3.59 3.63
N LEU B 132 -13.68 -2.44 3.00
CA LEU B 132 -14.22 -2.20 1.67
C LEU B 132 -13.39 -2.90 0.59
N VAL B 133 -14.09 -3.50 -0.37
CA VAL B 133 -13.48 -4.24 -1.45
C VAL B 133 -14.22 -3.92 -2.74
N TYR B 134 -13.84 -4.58 -3.83
CA TYR B 134 -14.48 -4.36 -5.12
C TYR B 134 -15.01 -5.67 -5.69
N PHE B 135 -16.32 -5.70 -5.99
CA PHE B 135 -16.89 -6.88 -6.62
C PHE B 135 -17.04 -6.56 -8.08
N TYR B 136 -16.70 -7.51 -8.96
CA TYR B 136 -16.96 -7.29 -10.38
C TYR B 136 -17.17 -8.57 -11.18
N ASN B 137 -17.81 -8.42 -12.33
CA ASN B 137 -18.05 -9.54 -13.23
C ASN B 137 -16.93 -9.57 -14.25
N LYS B 138 -15.99 -10.48 -14.03
CA LYS B 138 -14.79 -10.59 -14.89
C LYS B 138 -15.12 -10.93 -16.36
N ALA B 139 -16.04 -11.87 -16.55
CA ALA B 139 -16.55 -12.17 -17.88
C ALA B 139 -17.07 -10.94 -18.63
N GLU B 140 -17.83 -10.08 -17.94
CA GLU B 140 -18.36 -8.88 -18.54
C GLU B 140 -17.28 -7.83 -18.77
N PHE B 141 -16.31 -7.77 -17.86
CA PHE B 141 -15.15 -6.89 -18.08
C PHE B 141 -14.43 -7.32 -19.37
N GLU B 142 -14.14 -8.62 -19.49
CA GLU B 142 -13.43 -9.15 -20.67
C GLU B 142 -14.14 -8.80 -21.98
N LYS B 143 -15.47 -8.89 -22.02
CA LYS B 143 -16.25 -8.51 -23.20
C LYS B 143 -16.07 -7.07 -23.66
N LEU B 144 -15.75 -6.17 -22.72
CA LEU B 144 -15.58 -4.76 -23.00
C LEU B 144 -14.12 -4.40 -23.25
N GLY B 145 -13.25 -5.40 -23.21
CA GLY B 145 -11.82 -5.19 -23.43
C GLY B 145 -11.06 -4.74 -22.18
N ILE B 146 -11.74 -4.74 -21.03
CA ILE B 146 -11.09 -4.37 -19.76
C ILE B 146 -10.43 -5.62 -19.17
N THR B 147 -9.15 -5.80 -19.49
CA THR B 147 -8.46 -7.05 -19.23
C THR B 147 -7.82 -7.09 -17.84
N GLU B 148 -7.68 -5.93 -17.22
CA GLU B 148 -7.25 -5.81 -15.83
C GLU B 148 -8.07 -4.69 -15.17
N ILE B 149 -8.22 -4.75 -13.86
CA ILE B 149 -8.90 -3.71 -13.13
C ILE B 149 -8.01 -2.47 -13.12
N PRO B 150 -8.52 -1.34 -13.66
CA PRO B 150 -7.71 -0.10 -13.68
C PRO B 150 -7.33 0.29 -12.27
N GLN B 151 -6.08 0.69 -12.04
CA GLN B 151 -5.60 0.91 -10.67
C GLN B 151 -5.56 2.38 -10.20
N THR B 152 -5.75 3.31 -11.13
CA THR B 152 -5.82 4.73 -10.81
C THR B 152 -7.19 5.31 -11.11
N ALA B 153 -7.53 6.41 -10.47
CA ALA B 153 -8.83 7.02 -10.66
C ALA B 153 -9.02 7.36 -12.13
N ASP B 154 -8.00 7.98 -12.75
CA ASP B 154 -8.18 8.38 -14.15
C ASP B 154 -8.37 7.20 -15.13
N GLU B 155 -7.63 6.12 -14.95
CA GLU B 155 -7.79 4.95 -15.81
C GLU B 155 -9.10 4.23 -15.52
N PHE B 156 -9.54 4.29 -14.27
CA PHE B 156 -10.83 3.69 -13.92
C PHE B 156 -11.99 4.42 -14.57
N ILE B 157 -11.98 5.75 -14.45
CA ILE B 157 -12.99 6.62 -15.06
C ILE B 157 -13.05 6.43 -16.59
N ALA B 158 -11.89 6.30 -17.23
CA ALA B 158 -11.84 6.01 -18.66
C ALA B 158 -12.55 4.70 -19.00
N ALA B 159 -12.26 3.66 -18.23
CA ALA B 159 -12.88 2.34 -18.42
C ALA B 159 -14.37 2.43 -18.17
N ALA B 160 -14.77 3.21 -17.16
CA ALA B 160 -16.20 3.36 -16.79
C ALA B 160 -17.01 4.00 -17.92
N LYS B 161 -16.38 4.95 -18.61
CA LYS B 161 -17.02 5.61 -19.76
C LYS B 161 -17.23 4.62 -20.89
N THR B 162 -16.22 3.80 -21.17
CA THR B 162 -16.33 2.74 -22.18
C THR B 162 -17.49 1.77 -21.85
N ALA B 163 -17.55 1.35 -20.58
CA ALA B 163 -18.62 0.44 -20.14
C ALA B 163 -19.97 1.11 -20.33
N ALA B 164 -20.07 2.38 -19.93
CA ALA B 164 -21.37 3.07 -19.94
C ALA B 164 -21.91 3.22 -21.35
N ALA B 165 -21.02 3.45 -22.31
CA ALA B 165 -21.42 3.52 -23.73
C ALA B 165 -22.05 2.21 -24.23
N ALA B 166 -21.74 1.10 -23.56
CA ALA B 166 -22.29 -0.21 -23.92
C ALA B 166 -23.40 -0.65 -22.96
N GLY B 167 -23.93 0.28 -22.17
CA GLY B 167 -25.03 -0.02 -21.26
C GLY B 167 -24.60 -0.82 -20.04
N LYS B 168 -23.31 -0.74 -19.71
CA LYS B 168 -22.76 -1.45 -18.56
C LYS B 168 -22.16 -0.44 -17.56
N TYR B 169 -22.16 -0.78 -16.27
CA TYR B 169 -21.67 0.14 -15.23
C TYR B 169 -20.71 -0.60 -14.31
N ILE B 170 -19.47 -0.11 -14.24
CA ILE B 170 -18.47 -0.73 -13.40
C ILE B 170 -18.36 -0.06 -12.01
N MET B 171 -19.28 0.86 -11.73
CA MET B 171 -19.40 1.49 -10.44
C MET B 171 -20.83 1.87 -10.09
N SER B 172 -21.14 1.80 -8.81
CA SER B 172 -22.38 2.37 -8.32
C SER B 172 -22.11 3.55 -7.39
N TYR B 173 -23.00 4.53 -7.45
CA TYR B 173 -23.06 5.62 -6.49
C TYR B 173 -24.26 5.35 -5.60
N GLN B 174 -23.97 5.11 -4.31
CA GLN B 174 -25.00 4.68 -3.37
C GLN B 174 -25.28 5.78 -2.36
N PRO B 175 -26.26 6.64 -2.67
CA PRO B 175 -26.49 7.81 -1.82
C PRO B 175 -26.99 7.44 -0.41
N ASP B 176 -27.65 6.28 -0.27
CA ASP B 176 -28.10 5.82 1.04
C ASP B 176 -27.02 5.13 1.84
N GLU B 177 -25.82 5.02 1.26
CA GLU B 177 -24.69 4.45 1.99
C GLU B 177 -23.54 5.45 2.12
N ALA B 178 -23.77 6.71 1.76
CA ALA B 178 -22.69 7.70 1.85
C ALA B 178 -22.10 7.77 3.25
N GLY B 179 -22.96 7.69 4.28
CA GLY B 179 -22.50 7.78 5.67
C GLY B 179 -21.53 6.69 6.11
N ASN B 180 -21.66 5.50 5.51
CA ASN B 180 -20.84 4.34 5.85
C ASN B 180 -19.76 4.00 4.84
N MET B 181 -20.14 3.97 3.56
CA MET B 181 -19.23 3.57 2.52
C MET B 181 -18.31 4.72 2.17
N ILE B 182 -18.92 5.89 1.91
CA ILE B 182 -18.11 7.03 1.51
C ILE B 182 -17.21 7.55 2.64
N SER B 183 -17.71 7.55 3.89
CA SER B 183 -16.84 7.86 5.04
C SER B 183 -15.64 6.92 5.11
N GLY B 184 -15.87 5.62 4.88
CA GLY B 184 -14.76 4.65 4.90
C GLY B 184 -13.75 4.79 3.77
N LEU B 185 -14.24 5.13 2.57
CA LEU B 185 -13.36 5.35 1.44
C LEU B 185 -12.48 6.59 1.66
N ALA B 186 -13.10 7.68 2.09
CA ALA B 186 -12.32 8.91 2.34
C ALA B 186 -11.42 8.69 3.53
N GLY B 187 -11.94 7.98 4.52
CA GLY B 187 -11.23 7.66 5.76
C GLY B 187 -10.01 6.73 5.64
N ALA B 188 -9.92 5.98 4.54
CA ALA B 188 -8.81 5.05 4.29
C ALA B 188 -7.43 5.71 4.39
N SER B 189 -7.39 7.00 4.07
CA SER B 189 -6.12 7.75 4.01
C SER B 189 -5.90 8.66 5.22
N GLY B 190 -6.83 8.67 6.16
CA GLY B 190 -6.65 9.50 7.37
C GLY B 190 -7.93 9.85 8.07
N GLY B 191 -7.85 9.97 9.39
CA GLY B 191 -9.03 10.25 10.21
C GLY B 191 -9.65 11.63 10.00
N TRP B 192 -10.90 11.74 10.40
CA TRP B 192 -11.65 12.99 10.45
C TRP B 192 -11.69 13.54 11.87
N TYR B 193 -11.51 12.66 12.85
CA TYR B 193 -11.76 12.98 14.25
C TYR B 193 -10.58 12.64 15.13
N LYS B 194 -10.07 13.63 15.85
CA LYS B 194 -8.91 13.44 16.71
C LYS B 194 -9.10 14.19 18.03
N VAL B 195 -8.84 13.51 19.14
CA VAL B 195 -8.85 14.17 20.45
C VAL B 195 -7.48 14.80 20.67
N LYS B 196 -7.50 16.09 20.99
CA LYS B 196 -6.29 16.82 21.34
C LYS B 196 -6.57 17.56 22.65
N GLY B 197 -6.02 17.02 23.74
CA GLY B 197 -6.16 17.58 25.08
C GLY B 197 -7.52 18.16 25.40
N ASP B 198 -8.45 17.31 25.85
CA ASP B 198 -9.77 17.76 26.35
C ASP B 198 -10.84 18.06 25.29
N SER B 199 -10.41 18.38 24.06
CA SER B 199 -11.35 18.71 22.97
C SER B 199 -11.15 17.89 21.70
N TRP B 200 -12.20 17.83 20.88
CA TRP B 200 -12.16 17.15 19.58
C TRP B 200 -11.64 18.09 18.50
N VAL B 201 -10.78 17.58 17.63
CA VAL B 201 -10.36 18.30 16.44
C VAL B 201 -11.04 17.65 15.23
N VAL B 202 -11.82 18.45 14.50
CA VAL B 202 -12.73 17.93 13.49
C VAL B 202 -12.40 18.47 12.10
N ASN B 203 -12.01 17.58 11.19
CA ASN B 203 -11.83 17.93 9.78
C ASN B 203 -12.27 16.82 8.84
N THR B 204 -13.51 16.94 8.37
CA THR B 204 -14.08 15.94 7.46
C THR B 204 -13.77 16.25 5.98
N GLU B 205 -12.99 17.31 5.75
CA GLU B 205 -12.65 17.73 4.40
C GLU B 205 -11.15 17.54 4.12
N THR B 206 -10.72 16.28 4.26
CA THR B 206 -9.32 15.90 4.08
C THR B 206 -8.99 15.68 2.61
N ASP B 207 -7.72 15.38 2.33
CA ASP B 207 -7.27 15.05 0.97
C ASP B 207 -8.03 13.83 0.40
N GLY B 208 -8.26 12.82 1.24
CA GLY B 208 -9.06 11.65 0.86
C GLY B 208 -10.51 12.01 0.60
N SER B 209 -11.07 12.93 1.39
CA SER B 209 -12.44 13.38 1.13
C SER B 209 -12.50 14.03 -0.26
N LYS B 210 -11.51 14.88 -0.56
CA LYS B 210 -11.50 15.58 -1.84
C LYS B 210 -11.32 14.63 -3.02
N ALA B 211 -10.44 13.66 -2.87
CA ALA B 211 -10.19 12.68 -3.93
C ALA B 211 -11.43 11.79 -4.16
N THR B 212 -12.06 11.37 -3.07
CA THR B 212 -13.31 10.58 -3.16
C THR B 212 -14.47 11.34 -3.81
N ALA B 213 -14.68 12.58 -3.38
CA ALA B 213 -15.73 13.42 -3.97
C ALA B 213 -15.47 13.56 -5.48
N ASP B 214 -14.22 13.77 -5.85
CA ASP B 214 -13.89 13.97 -7.25
C ASP B 214 -14.15 12.74 -8.12
N PHE B 215 -13.76 11.55 -7.62
CA PHE B 215 -13.96 10.28 -8.31
C PHE B 215 -15.44 10.14 -8.65
N TYR B 216 -16.29 10.21 -7.62
CA TYR B 216 -17.74 10.08 -7.86
C TYR B 216 -18.33 11.22 -8.69
N GLN B 217 -17.85 12.45 -8.48
CA GLN B 217 -18.37 13.58 -9.28
C GLN B 217 -18.11 13.37 -10.77
N GLN B 218 -16.90 12.95 -11.13
CA GLN B 218 -16.59 12.66 -12.53
C GLN B 218 -17.45 11.54 -13.11
N LEU B 219 -17.72 10.51 -12.32
CA LEU B 219 -18.53 9.39 -12.82
C LEU B 219 -19.98 9.81 -13.02
N LEU B 220 -20.52 10.61 -12.09
CA LEU B 220 -21.90 11.10 -12.19
C LEU B 220 -22.04 12.01 -13.40
N ASP B 221 -21.04 12.86 -13.60
CA ASP B 221 -21.09 13.84 -14.68
C ASP B 221 -21.04 13.13 -16.01
N ALA B 222 -20.32 12.00 -16.07
CA ALA B 222 -20.19 11.17 -17.28
C ALA B 222 -21.31 10.16 -17.45
N LYS B 223 -22.30 10.20 -16.56
CA LYS B 223 -23.37 9.17 -16.50
C LYS B 223 -22.78 7.75 -16.56
N ALA B 224 -21.76 7.52 -15.75
CA ALA B 224 -21.02 6.25 -15.81
C ALA B 224 -21.02 5.49 -14.49
N ALA B 225 -21.98 5.82 -13.61
CA ALA B 225 -22.23 5.01 -12.43
C ALA B 225 -23.73 4.94 -12.22
N THR B 226 -24.21 3.81 -11.71
CA THR B 226 -25.61 3.77 -11.31
C THR B 226 -25.86 4.69 -10.11
N THR B 227 -27.10 5.14 -9.96
CA THR B 227 -27.46 6.06 -8.89
C THR B 227 -28.60 5.53 -8.00
N ASN B 228 -28.90 4.23 -8.16
CA ASN B 228 -29.93 3.58 -7.38
C ASN B 228 -29.47 3.43 -5.94
N PRO B 229 -30.31 3.79 -4.96
CA PRO B 229 -29.95 3.55 -3.56
C PRO B 229 -29.69 2.06 -3.32
N ARG B 230 -28.68 1.76 -2.51
CA ARG B 230 -28.22 0.39 -2.26
C ARG B 230 -29.34 -0.55 -1.83
N TRP B 231 -30.22 -0.05 -0.96
CA TRP B 231 -31.23 -0.90 -0.33
C TRP B 231 -32.60 -0.84 -1.03
N ASP B 232 -32.64 -0.16 -2.17
CA ASP B 232 -33.85 -0.08 -3.01
C ASP B 232 -33.89 -1.25 -3.99
N PRO B 233 -35.09 -1.75 -4.35
CA PRO B 233 -35.23 -2.79 -5.37
C PRO B 233 -34.53 -2.48 -6.69
N SER B 234 -34.41 -1.20 -7.03
CA SER B 234 -33.76 -0.81 -8.27
C SER B 234 -32.26 -1.21 -8.31
N PHE B 235 -31.63 -1.27 -7.14
CA PHE B 235 -30.22 -1.71 -7.07
C PHE B 235 -30.14 -3.19 -7.44
N ASP B 236 -30.97 -3.99 -6.76
CA ASP B 236 -31.08 -5.41 -7.08
C ASP B 236 -31.39 -5.62 -8.54
N ALA B 237 -32.36 -4.86 -9.05
CA ALA B 237 -32.76 -4.96 -10.46
C ALA B 237 -31.58 -4.74 -11.41
N SER B 238 -30.68 -3.80 -11.03
CA SER B 238 -29.49 -3.53 -11.86
C SER B 238 -28.48 -4.68 -11.90
N ILE B 239 -28.39 -5.47 -10.83
CA ILE B 239 -27.51 -6.63 -10.85
C ILE B 239 -28.23 -7.70 -11.69
N LYS B 240 -29.53 -7.85 -11.43
CA LYS B 240 -30.28 -8.91 -12.08
C LYS B 240 -30.31 -8.79 -13.60
N ASP B 241 -30.37 -7.55 -14.09
CA ASP B 241 -30.52 -7.32 -15.51
C ASP B 241 -29.18 -7.22 -16.21
N GLY B 242 -28.11 -7.30 -15.42
CA GLY B 242 -26.77 -7.39 -15.99
C GLY B 242 -26.14 -6.05 -16.30
N SER B 243 -26.78 -4.95 -15.91
CA SER B 243 -26.23 -3.61 -16.17
C SER B 243 -25.13 -3.21 -15.18
N LEU B 244 -25.32 -3.53 -13.90
CA LEU B 244 -24.28 -3.27 -12.88
C LEU B 244 -23.33 -4.45 -12.87
N ILE B 245 -22.09 -4.22 -13.32
CA ILE B 245 -21.09 -5.28 -13.43
C ILE B 245 -19.85 -4.99 -12.57
N GLY B 246 -19.91 -3.93 -11.79
CA GLY B 246 -18.83 -3.66 -10.81
C GLY B 246 -19.28 -2.68 -9.78
N THR B 247 -18.83 -2.87 -8.55
CA THR B 247 -19.08 -1.89 -7.52
C THR B 247 -18.21 -2.10 -6.29
N VAL B 248 -17.96 -1.00 -5.59
CA VAL B 248 -17.42 -1.09 -4.25
C VAL B 248 -18.48 -1.76 -3.39
N ALA B 249 -18.01 -2.56 -2.44
CA ALA B 249 -18.90 -3.21 -1.49
C ALA B 249 -18.14 -3.49 -0.21
N ALA B 250 -18.85 -3.46 0.91
CA ALA B 250 -18.32 -3.93 2.21
C ALA B 250 -18.19 -5.45 2.15
N ALA B 251 -17.15 -6.01 2.76
CA ALA B 251 -16.92 -7.44 2.63
C ALA B 251 -18.16 -8.26 3.04
N TRP B 252 -18.85 -7.78 4.08
CA TRP B 252 -20.03 -8.52 4.59
C TRP B 252 -21.20 -8.50 3.65
N GLU B 253 -21.10 -7.75 2.55
CA GLU B 253 -22.21 -7.76 1.57
C GLU B 253 -22.31 -9.05 0.73
N ALA B 254 -21.29 -9.92 0.77
CA ALA B 254 -21.20 -11.00 -0.20
C ALA B 254 -22.48 -11.82 -0.38
N PRO B 255 -23.03 -12.39 0.71
CA PRO B 255 -24.25 -13.19 0.51
C PRO B 255 -25.46 -12.35 0.14
N LEU B 256 -25.52 -11.12 0.65
CA LEU B 256 -26.63 -10.20 0.35
C LEU B 256 -26.63 -9.90 -1.14
N PHE B 257 -25.43 -9.57 -1.65
CA PHE B 257 -25.23 -9.36 -3.07
C PHE B 257 -25.60 -10.58 -3.93
N MET B 258 -25.19 -11.77 -3.48
CA MET B 258 -25.45 -13.00 -4.20
C MET B 258 -26.96 -13.20 -4.29
N THR B 259 -27.67 -12.98 -3.19
CA THR B 259 -29.14 -13.08 -3.22
C THR B 259 -29.75 -12.02 -4.15
N SER B 260 -29.27 -10.79 -4.04
CA SER B 260 -29.77 -9.71 -4.87
C SER B 260 -29.60 -9.94 -6.36
N SER B 261 -28.54 -10.67 -6.75
CA SER B 261 -28.27 -10.90 -8.16
C SER B 261 -29.30 -11.80 -8.81
N GLY B 262 -30.03 -12.56 -8.00
CA GLY B 262 -30.94 -13.57 -8.58
C GLY B 262 -30.24 -14.59 -9.46
N GLY B 263 -28.94 -14.75 -9.28
CA GLY B 263 -28.15 -15.72 -10.03
C GLY B 263 -27.37 -15.16 -11.20
N THR B 264 -27.65 -13.90 -11.55
CA THR B 264 -27.02 -13.24 -12.70
C THR B 264 -25.51 -13.10 -12.51
N GLY B 265 -24.77 -13.64 -13.48
CA GLY B 265 -23.30 -13.65 -13.39
C GLY B 265 -22.70 -14.76 -12.52
N SER B 266 -23.52 -15.68 -11.99
CA SER B 266 -22.96 -16.73 -11.13
C SER B 266 -21.84 -17.46 -11.88
N GLY B 267 -20.71 -17.61 -11.20
CA GLY B 267 -19.51 -18.24 -11.77
C GLY B 267 -18.57 -17.24 -12.43
N GLU B 268 -19.03 -16.00 -12.55
CA GLU B 268 -18.31 -14.96 -13.30
C GLU B 268 -17.86 -13.80 -12.39
N TRP B 269 -18.44 -13.71 -11.20
CA TRP B 269 -18.09 -12.63 -10.26
C TRP B 269 -16.74 -12.90 -9.60
N GLN B 270 -16.07 -11.82 -9.22
CA GLN B 270 -14.76 -11.86 -8.57
C GLN B 270 -14.70 -10.78 -7.50
N VAL B 271 -13.88 -11.00 -6.47
CA VAL B 271 -13.56 -9.98 -5.47
C VAL B 271 -12.12 -9.51 -5.67
N ALA B 272 -11.93 -8.18 -5.72
CA ALA B 272 -10.59 -7.61 -5.80
C ALA B 272 -10.45 -6.57 -4.70
N GLN B 273 -9.21 -6.18 -4.41
CA GLN B 273 -8.99 -5.07 -3.51
C GLN B 273 -9.36 -3.77 -4.20
N LEU B 274 -9.61 -2.73 -3.42
CA LEU B 274 -9.83 -1.42 -4.01
C LEU B 274 -8.60 -1.00 -4.78
N GLY B 275 -8.81 -0.46 -5.98
CA GLY B 275 -7.72 0.24 -6.65
C GLY B 275 -7.47 1.55 -5.92
N ASP B 276 -6.51 2.31 -6.42
CA ASP B 276 -6.14 3.57 -5.79
C ASP B 276 -7.00 4.70 -6.36
N TRP B 277 -8.31 4.64 -6.10
CA TRP B 277 -9.25 5.56 -6.75
C TRP B 277 -9.69 6.72 -5.87
N PHE B 278 -9.39 6.64 -4.57
CA PHE B 278 -9.99 7.55 -3.60
C PHE B 278 -8.95 8.35 -2.79
N GLY B 279 -7.75 8.50 -3.33
CA GLY B 279 -6.67 9.13 -2.58
C GLY B 279 -6.27 8.20 -1.43
N ASN B 280 -6.62 6.91 -1.56
CA ASN B 280 -6.42 5.92 -0.48
C ASN B 280 -5.03 5.30 -0.40
N ALA B 281 -4.21 5.48 -1.43
CA ALA B 281 -2.83 5.00 -1.42
C ALA B 281 -2.68 3.52 -1.03
N GLY B 282 -3.49 2.68 -1.66
CA GLY B 282 -3.35 1.24 -1.45
C GLY B 282 -3.93 0.74 -0.13
N LYS B 283 -4.57 1.63 0.62
CA LYS B 283 -5.25 1.23 1.85
C LYS B 283 -6.73 1.05 1.51
N THR B 284 -7.44 0.30 2.33
CA THR B 284 -8.91 0.36 2.31
C THR B 284 -9.42 0.99 3.62
N GLY B 285 -10.74 1.08 3.80
CA GLY B 285 -11.30 1.73 4.97
C GLY B 285 -12.47 0.89 5.45
N PRO B 286 -12.95 1.14 6.68
CA PRO B 286 -14.07 0.39 7.26
C PRO B 286 -15.45 0.88 6.84
N ASP B 287 -16.37 -0.06 6.62
CA ASP B 287 -17.76 0.28 6.37
C ASP B 287 -18.50 -0.72 7.23
N GLY B 288 -19.08 -0.23 8.31
CA GLY B 288 -19.66 -1.14 9.30
C GLY B 288 -18.60 -1.99 9.96
N GLY B 289 -19.01 -3.18 10.39
CA GLY B 289 -18.25 -3.96 11.37
C GLY B 289 -18.78 -3.63 12.76
N SER B 290 -19.01 -4.66 13.54
CA SER B 290 -19.71 -4.51 14.82
C SER B 290 -19.11 -5.29 15.98
N ALA B 291 -19.40 -4.80 17.18
CA ALA B 291 -19.18 -5.52 18.41
C ALA B 291 -20.55 -5.97 18.89
N VAL B 292 -20.53 -6.76 19.97
CA VAL B 292 -21.72 -6.94 20.79
C VAL B 292 -21.35 -6.41 22.17
N ALA B 293 -22.12 -5.44 22.66
CA ALA B 293 -21.83 -4.78 23.93
C ALA B 293 -22.73 -5.28 25.05
N VAL B 294 -22.26 -5.15 26.28
CA VAL B 294 -23.09 -5.43 27.44
C VAL B 294 -23.71 -4.10 27.84
N LEU B 295 -25.02 -4.09 28.05
CA LEU B 295 -25.73 -2.86 28.31
C LEU B 295 -25.73 -2.52 29.80
N LYS B 296 -25.93 -1.22 30.07
CA LYS B 296 -25.78 -0.59 31.37
C LYS B 296 -26.28 -1.43 32.53
N ASN B 297 -27.53 -1.85 32.47
CA ASN B 297 -28.14 -2.52 33.63
C ASN B 297 -28.23 -4.05 33.58
N SER B 298 -27.44 -4.69 32.71
CA SER B 298 -27.44 -6.16 32.68
C SER B 298 -27.06 -6.70 34.05
N LYS B 299 -27.85 -7.64 34.56
CA LYS B 299 -27.61 -8.21 35.89
C LYS B 299 -26.55 -9.31 35.87
N HIS B 300 -26.24 -9.79 34.68
CA HIS B 300 -25.36 -10.94 34.51
C HIS B 300 -24.26 -10.72 33.46
N PRO B 301 -23.40 -9.71 33.69
CA PRO B 301 -22.35 -9.43 32.70
C PRO B 301 -21.38 -10.60 32.50
N LYS B 302 -21.06 -11.34 33.58
CA LYS B 302 -20.10 -12.43 33.43
C LYS B 302 -20.64 -13.51 32.51
N GLU B 303 -21.89 -13.90 32.71
CA GLU B 303 -22.44 -14.94 31.86
C GLU B 303 -22.77 -14.45 30.44
N ALA B 304 -23.12 -13.18 30.34
CA ALA B 304 -23.33 -12.56 29.04
C ALA B 304 -22.04 -12.65 28.25
N MET B 305 -20.93 -12.34 28.90
CA MET B 305 -19.62 -12.40 28.24
C MET B 305 -19.13 -13.82 27.93
N GLU B 306 -19.42 -14.75 28.84
CA GLU B 306 -19.13 -16.17 28.62
C GLU B 306 -19.82 -16.67 27.35
N PHE B 307 -21.14 -16.44 27.29
CA PHE B 307 -21.89 -16.78 26.11
C PHE B 307 -21.36 -16.03 24.87
N LEU B 308 -21.08 -14.74 25.02
CA LEU B 308 -20.68 -13.92 23.87
C LEU B 308 -19.35 -14.40 23.26
N ASP B 309 -18.40 -14.79 24.11
CA ASP B 309 -17.14 -15.36 23.61
C ASP B 309 -17.37 -16.62 22.80
N TRP B 310 -18.29 -17.47 23.26
CA TRP B 310 -18.60 -18.67 22.51
C TRP B 310 -19.25 -18.29 21.18
N PHE B 311 -20.28 -17.45 21.25
CA PHE B 311 -21.00 -17.06 20.06
C PHE B 311 -20.06 -16.46 19.02
N ASN B 312 -19.19 -15.57 19.46
CA ASN B 312 -18.33 -14.84 18.53
C ASN B 312 -17.14 -15.69 18.01
N THR B 313 -16.97 -16.89 18.55
CA THR B 313 -15.96 -17.82 18.02
C THR B 313 -16.60 -19.01 17.27
N GLN B 314 -17.90 -18.94 17.01
CA GLN B 314 -18.54 -19.94 16.13
C GLN B 314 -18.30 -19.55 14.66
N VAL B 315 -17.03 -19.66 14.25
CA VAL B 315 -16.61 -19.06 12.98
C VAL B 315 -17.42 -19.45 11.73
N PRO B 316 -17.58 -20.78 11.45
CA PRO B 316 -18.37 -21.11 10.26
C PRO B 316 -19.81 -20.57 10.29
N ASP B 317 -20.41 -20.60 11.48
CA ASP B 317 -21.77 -20.08 11.63
C ASP B 317 -21.81 -18.58 11.31
N LEU B 318 -20.84 -17.82 11.83
CA LEU B 318 -20.78 -16.37 11.57
C LEU B 318 -20.48 -16.07 10.12
N VAL B 319 -19.54 -16.83 9.54
CA VAL B 319 -19.27 -16.69 8.12
C VAL B 319 -20.51 -16.89 7.24
N SER B 320 -21.39 -17.81 7.63
CA SER B 320 -22.59 -18.03 6.83
C SER B 320 -23.51 -16.80 6.75
N GLN B 321 -23.46 -15.98 7.79
CA GLN B 321 -24.22 -14.70 7.85
C GLN B 321 -23.55 -13.59 7.02
N GLY B 322 -22.39 -13.90 6.44
CA GLY B 322 -21.62 -12.94 5.67
C GLY B 322 -20.50 -12.31 6.45
N LEU B 323 -20.34 -12.65 7.73
CA LEU B 323 -19.39 -11.91 8.58
C LEU B 323 -17.97 -12.28 8.25
N VAL B 324 -17.08 -11.30 8.33
CA VAL B 324 -15.64 -11.56 8.35
C VAL B 324 -15.26 -11.52 9.83
N PRO B 325 -15.21 -12.70 10.47
CA PRO B 325 -15.11 -12.69 11.95
C PRO B 325 -13.87 -11.99 12.52
N ALA B 326 -14.04 -11.34 13.68
CA ALA B 326 -12.90 -10.83 14.46
C ALA B 326 -12.15 -11.97 15.15
N ALA B 327 -12.81 -13.09 15.38
CA ALA B 327 -12.18 -14.26 16.02
C ALA B 327 -10.97 -14.76 15.25
N THR B 328 -9.95 -15.17 15.98
CA THR B 328 -8.74 -15.76 15.39
C THR B 328 -8.56 -17.24 15.81
N THR B 329 -9.62 -17.81 16.40
CA THR B 329 -9.56 -19.17 16.92
C THR B 329 -9.50 -20.23 15.84
N GLU B 330 -10.04 -19.93 14.66
CA GLU B 330 -9.95 -20.82 13.52
C GLU B 330 -10.09 -19.95 12.29
N ASP B 331 -9.61 -20.40 11.15
CA ASP B 331 -9.69 -19.48 10.01
C ASP B 331 -11.11 -19.49 9.44
N ALA B 332 -11.43 -18.45 8.70
CA ALA B 332 -12.74 -18.30 8.09
C ALA B 332 -12.70 -18.88 6.69
N GLU B 333 -13.52 -19.91 6.44
CA GLU B 333 -13.51 -20.58 5.16
C GLU B 333 -14.62 -20.08 4.27
N THR B 334 -14.33 -19.85 3.00
CA THR B 334 -15.38 -19.49 2.02
C THR B 334 -16.35 -20.68 1.83
N PRO B 335 -17.64 -20.45 2.08
CA PRO B 335 -18.58 -21.55 1.82
C PRO B 335 -18.58 -21.98 0.36
N SER B 336 -18.76 -23.29 0.10
CA SER B 336 -18.65 -23.82 -1.26
C SER B 336 -19.51 -23.10 -2.24
N GLU B 337 -20.75 -22.82 -1.84
CA GLU B 337 -21.70 -22.19 -2.74
C GLU B 337 -21.26 -20.76 -3.12
N TRP B 338 -20.51 -20.12 -2.22
CA TRP B 338 -20.06 -18.75 -2.43
C TRP B 338 -18.84 -18.73 -3.36
N SER B 339 -17.88 -19.64 -3.15
CA SER B 339 -16.77 -19.72 -4.11
C SER B 339 -17.28 -20.07 -5.52
N THR B 340 -18.25 -20.95 -5.62
CA THR B 340 -18.86 -21.24 -6.91
C THR B 340 -19.42 -19.97 -7.60
N PHE B 341 -20.17 -19.17 -6.84
CA PHE B 341 -20.70 -17.92 -7.36
C PHE B 341 -19.59 -17.00 -7.87
N PHE B 342 -18.53 -16.90 -7.08
CA PHE B 342 -17.39 -16.04 -7.41
C PHE B 342 -16.29 -16.75 -8.21
N GLY B 343 -16.71 -17.53 -9.22
CA GLY B 343 -15.76 -18.11 -10.17
C GLY B 343 -14.73 -19.10 -9.63
N GLY B 344 -15.01 -19.70 -8.48
CA GLY B 344 -14.07 -20.63 -7.83
C GLY B 344 -13.14 -19.92 -6.88
N GLN B 345 -13.28 -18.60 -6.80
CA GLN B 345 -12.44 -17.77 -5.96
C GLN B 345 -12.64 -17.99 -4.49
N ASP B 346 -11.53 -18.07 -3.80
CA ASP B 346 -11.56 -18.10 -2.38
C ASP B 346 -11.70 -16.65 -1.84
N ILE B 347 -12.93 -16.22 -1.58
CA ILE B 347 -13.17 -14.80 -1.25
C ILE B 347 -12.77 -14.35 0.14
N MET B 348 -12.95 -15.21 1.16
CA MET B 348 -12.63 -14.84 2.55
C MET B 348 -11.15 -14.45 2.71
N LYS B 349 -10.31 -14.90 1.76
CA LYS B 349 -8.88 -14.55 1.66
C LYS B 349 -8.59 -13.16 1.10
N GLU B 350 -9.40 -12.70 0.15
CA GLU B 350 -9.32 -11.32 -0.28
C GLU B 350 -9.80 -10.45 0.89
N PHE B 351 -10.81 -10.94 1.63
CA PHE B 351 -11.31 -10.19 2.79
C PHE B 351 -10.27 -10.05 3.92
N LYS B 352 -9.52 -11.12 4.17
CA LYS B 352 -8.54 -11.05 5.26
C LYS B 352 -7.41 -10.13 4.81
N THR B 353 -7.04 -10.21 3.54
CA THR B 353 -6.08 -9.27 2.97
C THR B 353 -6.55 -7.80 3.06
N ALA B 354 -7.83 -7.57 2.75
CA ALA B 354 -8.39 -6.23 2.89
C ALA B 354 -8.35 -5.78 4.34
N ASN B 355 -8.72 -6.67 5.26
CA ASN B 355 -8.58 -6.36 6.68
C ASN B 355 -7.19 -5.86 7.08
N ASN B 356 -6.16 -6.56 6.60
CA ASN B 356 -4.77 -6.23 6.96
C ASN B 356 -4.36 -4.87 6.42
N ASN B 357 -5.04 -4.42 5.37
CA ASN B 357 -4.74 -3.13 4.76
C ASN B 357 -5.75 -2.04 5.04
N MET B 358 -6.58 -2.27 6.07
CA MET B 358 -7.65 -1.37 6.38
C MET B 358 -7.20 -0.31 7.38
N GLY B 359 -7.39 0.96 7.02
CA GLY B 359 -7.04 2.06 7.90
C GLY B 359 -7.84 2.15 9.19
N ASP B 360 -7.18 2.61 10.26
CA ASP B 360 -7.89 2.92 11.50
C ASP B 360 -8.72 4.19 11.34
N PHE B 361 -9.90 4.21 11.93
CA PHE B 361 -10.73 5.39 11.87
C PHE B 361 -11.50 5.63 13.18
N THR B 362 -11.16 6.69 13.91
CA THR B 362 -11.92 7.13 15.09
C THR B 362 -13.25 7.77 14.69
N TYR B 363 -14.35 7.28 15.27
CA TYR B 363 -15.64 7.91 15.08
C TYR B 363 -16.02 8.74 16.28
N MET B 364 -16.43 9.99 16.05
CA MET B 364 -16.92 10.85 17.13
C MET B 364 -18.22 10.34 17.72
N PRO B 365 -18.47 10.61 19.02
CA PRO B 365 -19.80 10.29 19.56
C PRO B 365 -20.85 11.13 18.83
N GLY B 366 -21.92 10.50 18.38
CA GLY B 366 -22.94 11.18 17.59
C GLY B 366 -22.68 11.14 16.09
N PHE B 367 -21.71 10.34 15.67
CA PHE B 367 -21.44 10.15 14.22
C PHE B 367 -22.70 9.76 13.44
N SER B 368 -23.69 9.15 14.10
CA SER B 368 -24.94 8.80 13.44
C SER B 368 -25.62 10.00 12.75
N ALA B 369 -25.60 11.15 13.42
CA ALA B 369 -26.12 12.41 12.87
C ALA B 369 -25.37 12.82 11.61
N VAL B 370 -24.05 12.63 11.64
CA VAL B 370 -23.17 12.91 10.52
C VAL B 370 -23.49 12.01 9.32
N ALA B 371 -23.54 10.71 9.58
CA ALA B 371 -23.90 9.76 8.55
C ALA B 371 -25.25 10.10 7.92
N ALA B 372 -26.22 10.46 8.75
CA ALA B 372 -27.58 10.75 8.28
C ALA B 372 -27.55 11.94 7.32
N LYS B 373 -26.80 12.97 7.70
CA LYS B 373 -26.62 14.15 6.85
C LYS B 373 -25.87 13.80 5.56
N MET B 374 -24.81 12.98 5.66
CA MET B 374 -24.09 12.56 4.46
C MET B 374 -25.00 11.90 3.42
N ASN B 375 -25.91 11.06 3.91
CA ASN B 375 -26.89 10.40 3.05
C ASN B 375 -27.83 11.38 2.34
N GLU B 376 -28.44 12.29 3.09
CA GLU B 376 -29.34 13.26 2.47
C GLU B 376 -28.62 14.15 1.45
N THR B 377 -27.43 14.61 1.81
CA THR B 377 -26.65 15.43 0.89
C THR B 377 -26.19 14.64 -0.33
N ALA B 378 -25.83 13.37 -0.14
CA ALA B 378 -25.45 12.51 -1.25
C ALA B 378 -26.54 12.38 -2.31
N ALA B 379 -27.79 12.31 -1.87
CA ALA B 379 -28.93 12.14 -2.77
C ALA B 379 -29.12 13.34 -3.70
N LYS B 380 -28.71 14.51 -3.21
CA LYS B 380 -28.82 15.75 -3.97
C LYS B 380 -27.89 15.80 -5.17
N ALA B 381 -26.81 15.00 -5.16
CA ALA B 381 -25.87 15.02 -6.29
C ALA B 381 -26.39 14.25 -7.51
N THR B 382 -27.46 13.49 -7.35
CA THR B 382 -27.92 12.57 -8.39
C THR B 382 -28.53 13.25 -9.61
N GLY B 386 -27.25 19.31 -6.10
CA GLY B 386 -26.03 19.43 -5.34
C GLY B 386 -24.82 18.76 -5.98
N LYS B 387 -23.67 18.92 -5.34
CA LYS B 387 -22.42 18.31 -5.76
C LYS B 387 -21.99 17.27 -4.71
N VAL B 388 -21.17 16.31 -5.14
CA VAL B 388 -20.66 15.26 -4.24
C VAL B 388 -19.81 15.85 -3.12
N ALA B 389 -18.99 16.85 -3.45
CA ALA B 389 -18.20 17.54 -2.43
C ALA B 389 -19.00 18.13 -1.25
N ASP B 390 -20.28 18.46 -1.48
CA ASP B 390 -21.15 18.99 -0.43
C ASP B 390 -21.35 17.99 0.71
N ILE B 391 -21.25 16.70 0.36
CA ILE B 391 -21.33 15.64 1.36
C ILE B 391 -20.39 15.92 2.53
N PHE B 392 -19.17 16.31 2.20
CA PHE B 392 -18.13 16.46 3.20
C PHE B 392 -18.17 17.81 3.91
N SER B 393 -18.64 18.85 3.23
CA SER B 393 -18.79 20.14 3.90
C SER B 393 -19.98 20.10 4.87
N ASP B 394 -21.03 19.38 4.47
CA ASP B 394 -22.16 19.20 5.37
C ASP B 394 -21.76 18.32 6.55
N ALA B 395 -20.92 17.31 6.29
CA ALA B 395 -20.44 16.44 7.36
C ALA B 395 -19.65 17.23 8.42
N GLN B 396 -18.82 18.16 7.96
CA GLN B 396 -18.09 19.05 8.87
C GLN B 396 -19.04 19.84 9.79
N THR B 397 -20.04 20.49 9.21
CA THR B 397 -21.02 21.27 9.97
C THR B 397 -21.78 20.42 10.96
N THR B 398 -22.31 19.29 10.49
CA THR B 398 -23.09 18.41 11.35
C THR B 398 -22.24 17.85 12.49
N SER B 399 -20.99 17.52 12.18
CA SER B 399 -20.04 17.01 13.16
C SER B 399 -19.88 18.01 14.30
N VAL B 400 -19.48 19.22 13.94
CA VAL B 400 -19.26 20.27 14.94
C VAL B 400 -20.53 20.58 15.75
N ASP B 401 -21.66 20.78 15.07
CA ASP B 401 -22.92 21.07 15.75
C ASP B 401 -23.39 19.92 16.67
N THR B 402 -23.11 18.67 16.26
CA THR B 402 -23.51 17.49 17.04
C THR B 402 -22.67 17.33 18.29
N LEU B 403 -21.36 17.53 18.15
CA LEU B 403 -20.45 17.49 19.31
C LEU B 403 -20.83 18.52 20.37
N LYS B 404 -21.26 19.70 19.91
CA LYS B 404 -21.70 20.76 20.80
C LYS B 404 -23.02 20.43 21.49
N ASN B 405 -23.90 19.69 20.80
CA ASN B 405 -25.16 19.24 21.38
C ASN B 405 -24.99 18.05 22.34
N PHE B 406 -23.87 17.34 22.20
CA PHE B 406 -23.52 16.25 23.11
C PHE B 406 -22.83 16.79 24.38
N GLY B 407 -22.58 18.10 24.41
CA GLY B 407 -21.88 18.74 25.51
C GLY B 407 -20.37 18.50 25.47
N LEU B 408 -19.84 18.35 24.25
CA LEU B 408 -18.43 18.05 24.06
C LEU B 408 -17.71 19.19 23.37
N SER B 409 -16.44 19.39 23.76
CA SER B 409 -15.64 20.53 23.30
C SER B 409 -14.98 20.27 21.95
N VAL B 410 -15.07 21.26 21.06
CA VAL B 410 -14.43 21.23 19.74
C VAL B 410 -13.33 22.29 19.70
N SER B 411 -12.19 21.94 19.11
CA SER B 411 -11.12 22.92 18.88
C SER B 411 -10.71 22.96 17.40
C2 BGC C . 23.30 7.84 -21.53
C3 BGC C . 23.70 7.59 -20.07
C4 BGC C . 22.71 6.63 -19.36
C5 BGC C . 22.44 5.41 -20.24
C6 BGC C . 21.44 4.39 -19.70
C1 BGC C . 23.03 6.53 -22.24
O1 BGC C . 22.59 6.85 -23.54
O2 BGC C . 24.33 8.52 -22.22
O3 BGC C . 23.75 8.84 -19.44
O4 BGC C . 23.28 6.18 -18.12
O5 BGC C . 22.02 5.81 -21.54
O6 BGC C . 21.66 3.16 -20.37
C1 GAL C . 23.02 6.99 -16.98
C2 GAL C . 23.33 6.06 -15.79
C3 GAL C . 23.46 6.81 -14.47
C4 GAL C . 24.37 8.03 -14.60
C5 GAL C . 23.92 8.88 -15.79
C6 GAL C . 24.85 10.05 -16.05
O2 GAL C . 22.29 5.12 -15.73
O3 GAL C . 23.92 5.79 -13.58
O4 GAL C . 25.65 7.52 -14.86
O5 GAL C . 23.91 8.09 -16.96
O6 GAL C . 24.35 10.76 -17.19
C1 NAG C . 23.98 6.13 -12.18
C2 NAG C . 23.98 4.81 -11.41
C3 NAG C . 24.33 4.95 -9.91
C4 NAG C . 25.56 5.87 -9.75
C5 NAG C . 25.29 7.18 -10.50
C6 NAG C . 26.39 8.22 -10.27
C7 NAG C . 22.59 2.95 -12.04
C8 NAG C . 21.20 2.40 -12.15
N2 NAG C . 22.66 4.18 -11.58
O3 NAG C . 24.51 3.60 -9.53
O4 NAG C . 25.72 6.17 -8.38
O5 NAG C . 25.16 6.86 -11.88
O6 NAG C . 27.59 7.74 -10.84
O7 NAG C . 23.54 2.23 -12.35
C1 GAL C . 24.27 3.33 -8.14
C2 GAL C . 23.97 1.84 -8.02
C3 GAL C . 23.85 1.48 -6.55
C4 GAL C . 25.12 1.92 -5.79
C5 GAL C . 25.37 3.41 -5.99
C6 GAL C . 26.68 3.88 -5.37
O2 GAL C . 22.72 1.58 -8.66
O3 GAL C . 23.64 0.10 -6.47
O4 GAL C . 26.16 1.12 -6.27
O5 GAL C . 25.44 3.69 -7.39
O6 GAL C . 26.69 5.30 -5.33
C2 BGC D . -31.28 7.35 7.14
C3 BGC D . -30.58 6.01 6.91
C4 BGC D . -29.11 5.98 7.38
C5 BGC D . -29.00 6.72 8.74
C6 BGC D . -27.57 7.06 9.18
C1 BGC D . -31.13 7.81 8.58
O1 BGC D . -31.74 9.08 8.73
O2 BGC D . -32.65 7.23 6.83
O3 BGC D . -30.63 5.71 5.53
O4 BGC D . -28.72 4.63 7.59
O5 BGC D . -29.75 7.93 8.82
O6 BGC D . -27.56 7.37 10.58
C1 GAL D . -28.60 3.65 6.52
C2 GAL D . -27.86 2.50 7.21
C3 GAL D . -27.82 1.16 6.44
C4 GAL D . -29.23 0.79 6.02
C5 GAL D . -29.85 1.96 5.25
C6 GAL D . -31.27 1.67 4.83
O2 GAL D . -26.57 2.92 7.66
O3 GAL D . -27.25 0.22 7.35
O4 GAL D . -30.00 0.52 7.18
O5 GAL D . -29.84 3.15 6.03
O6 GAL D . -31.75 2.78 4.10
C1 NAG D . -26.70 -0.98 6.77
C2 NAG D . -25.77 -1.56 7.83
C3 NAG D . -25.36 -3.03 7.56
C4 NAG D . -26.60 -3.88 7.17
C5 NAG D . -27.35 -3.17 6.02
C6 NAG D . -28.53 -3.97 5.47
C7 NAG D . -24.16 -0.32 9.20
C8 NAG D . -22.87 0.47 9.22
N2 NAG D . -24.58 -0.72 8.00
O3 NAG D . -24.76 -3.44 8.80
O4 NAG D . -26.20 -5.15 6.70
O5 NAG D . -27.76 -1.89 6.48
O6 NAG D . -29.50 -4.09 6.48
O7 NAG D . -24.73 -0.55 10.27
C1 GAL D . -23.79 -4.51 8.70
C2 GAL D . -22.82 -4.40 9.88
C3 GAL D . -21.88 -5.62 9.91
C4 GAL D . -22.70 -6.92 9.86
C5 GAL D . -23.65 -6.89 8.67
C6 GAL D . -24.59 -8.11 8.62
O2 GAL D . -22.08 -3.20 9.80
O3 GAL D . -21.07 -5.58 11.07
O4 GAL D . -23.41 -7.10 11.07
O5 GAL D . -24.48 -5.74 8.78
O6 GAL D . -25.21 -8.13 7.35
ZN ZN E . 40.39 -21.37 -6.64
ZN ZN F . 42.68 -17.15 4.62
NA NA G . 3.47 -17.77 -26.89
NA NA H . 9.19 9.51 -29.07
O1 MES I . 28.14 -18.09 5.75
C2 MES I . 28.98 -16.93 5.73
C3 MES I . 29.33 -16.48 7.13
N4 MES I . 28.10 -16.39 7.92
C5 MES I . 27.05 -17.40 7.82
C6 MES I . 26.87 -17.86 6.37
C7 MES I . 28.01 -15.26 8.84
C8 MES I . 26.80 -15.53 9.71
S MES I . 26.72 -14.56 11.07
O1S MES I . 27.37 -13.24 10.87
O2S MES I . 25.28 -14.37 11.34
O3S MES I . 27.34 -15.28 12.20
ZN ZN J . -24.67 -13.80 36.80
ZN ZN K . -23.10 -24.58 31.38
ZN ZN L . -8.32 -22.57 6.00
NA NA M . -10.00 -23.67 8.56
O1 MES N . -11.29 -18.32 26.50
C2 MES N . -12.21 -18.91 25.58
C3 MES N . -11.61 -20.03 24.73
N4 MES N . -10.16 -19.83 24.52
C5 MES N . -9.33 -18.83 25.21
C6 MES N . -10.17 -17.73 25.85
C7 MES N . -9.42 -20.75 23.65
C8 MES N . -10.16 -21.11 22.37
S MES N . -9.21 -22.11 21.38
O1S MES N . -7.98 -21.42 20.95
O2S MES N . -8.82 -23.33 22.15
O3S MES N . -10.06 -22.44 20.22
#